data_3VWK
#
_entry.id   3VWK
#
_cell.length_a   144.270
_cell.length_b   177.260
_cell.length_c   83.750
_cell.angle_alpha   90.00
_cell.angle_beta   90.00
_cell.angle_gamma   90.00
#
_symmetry.space_group_name_H-M   'C 2 2 2'
#
loop_
_entity.id
_entity.type
_entity.pdbx_description
1 polymer 'Antigen-presenting glycoprotein CD1d'
2 polymer Beta-2-microglobulin
3 polymer 'NKT15 T cell receptor alpha-chain'
4 polymer 'NKT15 T cell receptor beta-chain'
5 non-polymer 2-acetamido-2-deoxy-beta-D-glucopyranose
6 non-polymer N-{(2S,3R)-1-[(4-deoxy-alpha-D-xylo-hexopyranosyl)oxy]-3-hydroxyoctadecan-2-yl}hexacosanamide
7 non-polymer 'MAGNESIUM ION'
8 water water
#
loop_
_entity_poly.entity_id
_entity_poly.type
_entity_poly.pdbx_seq_one_letter_code
_entity_poly.pdbx_strand_id
1 'polypeptide(L)'
;SPGVPQRLFPLRCLQISSFANSSWTRTDGLAWLGELQTHSWSNDSDTVRSLKPWSQGTFSDQQWETLQHIFRVYRSSFTR
DVKEFAKMLRLSYPLELQVSAGCEVHPGNASNNFFHVAFQGKDILSFQGTSWEPTQEAPLWVNLAIQVLNQDKWTRETVQ
WLLNGTCPQFVSGLLESGKSELKKQVKPKAWLSRGPSPGPGRLLLVCHVSGFYPKPVWVKWMRGEQEQQGTQPGDILPNA
DETWYLRATLDVVAGEAAGLSCRVKHSSLEGQDIVLYWHHHHHH
;
A
2 'polypeptide(L)'
;IQRTPKIQVYSRHPAENGKSNFLNCYVSGFHPSDIEVDLLKNGERIEKVEHSDLSFSKDWSFYLLYYTEFTPTEKDEYAC
RVNHVTLSQPKIVKWDRDM
;
B
3 'polypeptide(L)'
;MKNQVEQSPQSLIILEGKNCTLQCNYTVSPFSNLRWYKQDTGRGPVSLTIMTFSENTKSNGRYTATLDADTKQSSLHITA
SQLSDSASYICVVSDRGSTLGRLYFGRGTQLTVWPDIQNPDPAVYQLRDSKSSDKSVCLFTDFDSQTNVSQSKDSDVYIT
DKCVLDMRSMDFKSNSAVAWSNKSDFACANAFNNSIIPEDTFFPSPESS
;
C
4 'polypeptide(L)'
;MEADIYQTPRYLVIGTGKKITLECSQTMGHDKMYWYQQDPGMELHLIHYSYGVNSTEKGDLSSESTVSRIRTEHFPLTLE
SARPSHTSQYLCASSGLRDRGLYEQYFGPGTRLTVTEDLKNVFPPEVAVFEPSEAEISHTQKATLVCLATGFYPDHVELS
WWVNGKEVHSGVCTDPQPLKEQPALNDSRYALSSRLRVSATFWQNPRNHFRCQVQFYGLSENDEWTQDRAKPVTQIVSAE
AWGRAD
;
D
#
loop_
_chem_comp.id
_chem_comp.type
_chem_comp.name
_chem_comp.formula
4GH non-polymer N-{(2S,3R)-1-[(4-deoxy-alpha-D-xylo-hexopyranosyl)oxy]-3-hydroxyoctadecan-2-yl}hexacosanamide 'C50 H99 N O7'
MG non-polymer 'MAGNESIUM ION' 'Mg 2'
NAG D-saccharide, beta linking 2-acetamido-2-deoxy-beta-D-glucopyranose 'C8 H15 N O6'
#
# COMPACT_ATOMS: atom_id res chain seq x y z
N LEU A 8 32.27 -3.28 31.53
CA LEU A 8 31.48 -3.73 30.38
C LEU A 8 31.08 -2.53 29.51
N PHE A 9 31.11 -2.71 28.19
CA PHE A 9 30.84 -1.62 27.27
C PHE A 9 29.67 -1.92 26.33
N PRO A 10 28.45 -1.60 26.76
CA PRO A 10 27.25 -1.77 25.93
C PRO A 10 27.30 -0.86 24.72
N LEU A 11 26.76 -1.35 23.60
CA LEU A 11 26.59 -0.54 22.41
C LEU A 11 25.14 -0.07 22.30
N ARG A 12 24.93 1.24 22.28
CA ARG A 12 23.58 1.80 22.20
C ARG A 12 23.34 2.56 20.91
N CYS A 13 22.34 2.12 20.14
CA CYS A 13 21.96 2.81 18.90
C CYS A 13 20.68 3.61 19.11
N LEU A 14 20.78 4.93 19.03
CA LEU A 14 19.65 5.82 19.31
C LEU A 14 19.08 6.48 18.05
N GLN A 15 17.75 6.61 18.02
CA GLN A 15 17.07 7.26 16.91
C GLN A 15 16.03 8.24 17.45
N ILE A 16 15.86 9.38 16.78
CA ILE A 16 14.81 10.33 17.09
C ILE A 16 14.13 10.73 15.80
N SER A 17 12.83 10.48 15.73
CA SER A 17 12.05 10.81 14.55
C SER A 17 10.97 11.80 14.93
N SER A 18 11.01 13.01 14.39
CA SER A 18 10.00 13.99 14.74
C SER A 18 9.09 14.33 13.58
N PHE A 19 7.79 14.40 13.87
CA PHE A 19 6.80 14.65 12.85
C PHE A 19 6.02 15.90 13.21
N ALA A 20 6.22 16.96 12.43
CA ALA A 20 5.56 18.24 12.69
C ALA A 20 4.10 18.18 12.25
N ASN A 21 3.91 18.17 10.94
CA ASN A 21 2.64 17.83 10.35
C ASN A 21 2.90 16.62 9.48
N SER A 22 1.97 16.33 8.58
CA SER A 22 2.10 15.16 7.72
C SER A 22 3.05 15.42 6.57
N SER A 23 3.60 16.62 6.49
CA SER A 23 4.53 16.95 5.42
C SER A 23 5.94 17.20 5.94
N TRP A 24 6.05 17.64 7.18
CA TRP A 24 7.35 17.98 7.73
C TRP A 24 7.79 16.92 8.73
N THR A 25 8.89 16.26 8.45
CA THR A 25 9.44 15.27 9.37
C THR A 25 10.97 15.20 9.32
N ARG A 26 11.56 14.67 10.38
CA ARG A 26 13.00 14.53 10.52
C ARG A 26 13.35 13.25 11.27
N THR A 27 14.46 12.63 10.89
CA THR A 27 14.94 11.45 11.57
C THR A 27 16.46 11.52 11.72
N ASP A 28 16.94 11.56 12.95
CA ASP A 28 18.37 11.65 13.18
C ASP A 28 18.79 10.54 14.15
N GLY A 29 20.01 10.03 14.02
CA GLY A 29 20.45 8.90 14.82
C GLY A 29 21.90 8.92 15.27
N LEU A 30 22.23 8.08 16.25
CA LEU A 30 23.60 8.03 16.76
C LEU A 30 23.92 6.75 17.53
N ALA A 31 25.20 6.46 17.67
CA ALA A 31 25.63 5.24 18.36
C ALA A 31 26.73 5.52 19.40
N TRP A 32 26.54 5.02 20.62
CA TRP A 32 27.56 5.16 21.66
C TRP A 32 28.16 3.81 22.03
N LEU A 33 29.50 3.77 22.15
CA LEU A 33 30.19 2.59 22.66
C LEU A 33 30.76 2.92 24.04
N GLY A 34 30.03 2.54 25.07
CA GLY A 34 30.33 3.04 26.41
C GLY A 34 29.98 4.52 26.42
N GLU A 35 30.91 5.36 26.87
CA GLU A 35 30.69 6.79 26.90
C GLU A 35 31.06 7.43 25.58
N LEU A 36 31.94 6.78 24.82
CA LEU A 36 32.37 7.31 23.53
C LEU A 36 31.27 7.18 22.46
N GLN A 37 31.07 8.24 21.68
CA GLN A 37 30.17 8.18 20.53
C GLN A 37 30.94 7.80 19.26
N THR A 38 30.50 6.72 18.59
CA THR A 38 31.24 6.17 17.45
C THR A 38 30.63 6.45 16.08
N HIS A 39 29.32 6.69 16.04
CA HIS A 39 28.67 7.00 14.77
C HIS A 39 27.70 8.16 14.89
N SER A 40 27.32 8.72 13.74
CA SER A 40 26.32 9.77 13.64
C SER A 40 25.57 9.62 12.32
N TRP A 41 24.32 10.07 12.27
CA TRP A 41 23.48 9.86 11.08
C TRP A 41 22.36 10.89 11.03
N SER A 42 22.44 11.84 10.09
CA SER A 42 21.44 12.90 10.05
C SER A 42 20.42 12.73 8.92
N ASN A 43 19.33 13.48 9.01
CA ASN A 43 18.26 13.46 8.01
C ASN A 43 18.74 13.95 6.65
N ASP A 44 19.77 14.79 6.68
CA ASP A 44 20.26 15.43 5.47
C ASP A 44 21.42 14.65 4.85
N SER A 45 21.35 13.34 4.92
CA SER A 45 22.48 12.49 4.54
C SER A 45 22.07 11.06 4.19
N ASP A 46 22.63 10.53 3.12
CA ASP A 46 22.28 9.20 2.65
C ASP A 46 23.22 8.14 3.21
N THR A 47 24.00 8.50 4.22
CA THR A 47 24.92 7.55 4.84
C THR A 47 25.07 7.73 6.33
N VAL A 48 25.39 6.63 7.01
CA VAL A 48 25.80 6.64 8.41
C VAL A 48 27.26 7.07 8.46
N ARG A 49 27.55 8.05 9.31
CA ARG A 49 28.88 8.67 9.37
C ARG A 49 29.74 8.07 10.50
N SER A 50 30.96 7.66 10.18
CA SER A 50 31.87 7.14 11.20
C SER A 50 32.65 8.28 11.86
N LEU A 51 33.01 8.14 13.13
CA LEU A 51 33.67 9.25 13.83
C LEU A 51 35.09 8.95 14.30
N LYS A 52 35.36 7.71 14.68
CA LYS A 52 36.70 7.31 15.08
C LYS A 52 37.34 6.50 13.94
N PRO A 53 38.68 6.50 13.87
CA PRO A 53 39.45 5.71 12.91
C PRO A 53 39.30 4.19 13.11
N TRP A 54 38.61 3.79 14.18
CA TRP A 54 38.33 2.38 14.43
C TRP A 54 36.85 2.07 14.45
N SER A 55 36.03 3.03 14.01
CA SER A 55 34.56 2.90 14.06
C SER A 55 34.00 1.68 13.34
N GLN A 56 34.74 1.16 12.37
CA GLN A 56 34.26 0.03 11.56
C GLN A 56 34.62 -1.31 12.18
N GLY A 57 35.53 -1.28 13.16
CA GLY A 57 35.94 -2.49 13.86
C GLY A 57 36.63 -3.50 12.97
N THR A 58 36.18 -4.75 13.05
CA THR A 58 36.75 -5.81 12.20
C THR A 58 35.73 -6.27 11.17
N PHE A 59 35.01 -5.31 10.58
CA PHE A 59 34.06 -5.55 9.50
C PHE A 59 34.69 -5.14 8.17
N SER A 60 34.39 -5.89 7.10
CA SER A 60 34.90 -5.54 5.78
C SER A 60 34.11 -4.39 5.16
N ASP A 61 34.61 -3.84 4.06
CA ASP A 61 33.90 -2.80 3.34
C ASP A 61 32.58 -3.32 2.79
N GLN A 62 32.60 -4.52 2.24
CA GLN A 62 31.39 -5.15 1.71
C GLN A 62 30.38 -5.40 2.83
N GLN A 63 30.88 -5.89 3.97
CA GLN A 63 30.03 -6.11 5.14
C GLN A 63 29.36 -4.80 5.56
N TRP A 64 30.19 -3.78 5.76
CA TRP A 64 29.73 -2.46 6.20
C TRP A 64 28.72 -1.84 5.21
N GLU A 65 29.03 -1.91 3.91
CA GLU A 65 28.14 -1.37 2.89
C GLU A 65 26.75 -2.03 2.91
N THR A 66 26.69 -3.31 3.26
CA THR A 66 25.41 -3.99 3.41
C THR A 66 24.59 -3.39 4.54
N LEU A 67 25.25 -3.08 5.64
CA LEU A 67 24.61 -2.39 6.76
C LEU A 67 24.10 -1.03 6.31
N GLN A 68 24.93 -0.36 5.51
CA GLN A 68 24.59 0.96 4.97
C GLN A 68 23.30 0.92 4.15
N HIS A 69 23.08 -0.21 3.47
CA HIS A 69 21.93 -0.36 2.58
C HIS A 69 20.67 -0.68 3.37
N ILE A 70 20.82 -1.36 4.50
CA ILE A 70 19.68 -1.72 5.35
C ILE A 70 19.07 -0.51 6.06
N PHE A 71 19.92 0.32 6.66
CA PHE A 71 19.48 1.49 7.39
C PHE A 71 18.73 2.48 6.52
N ARG A 72 19.25 2.68 5.31
CA ARG A 72 18.64 3.56 4.32
C ARG A 72 17.18 3.18 4.01
N VAL A 73 16.98 1.92 3.63
CA VAL A 73 15.65 1.38 3.39
C VAL A 73 14.73 1.51 4.61
N TYR A 74 15.30 1.32 5.80
CA TYR A 74 14.57 1.37 7.06
C TYR A 74 14.11 2.78 7.44
N ARG A 75 14.95 3.78 7.24
CA ARG A 75 14.61 5.15 7.63
C ARG A 75 13.42 5.69 6.83
N SER A 76 13.36 5.35 5.54
CA SER A 76 12.28 5.87 4.71
C SER A 76 11.00 5.10 5.02
N SER A 77 11.14 3.80 5.28
CA SER A 77 9.98 2.96 5.54
C SER A 77 9.37 3.26 6.90
N PHE A 78 10.22 3.35 7.93
CA PHE A 78 9.77 3.75 9.26
C PHE A 78 8.93 5.02 9.17
N THR A 79 9.43 6.02 8.44
CA THR A 79 8.72 7.29 8.32
C THR A 79 7.30 7.08 7.81
N ARG A 80 7.16 6.39 6.69
CA ARG A 80 5.85 6.22 6.09
C ARG A 80 4.96 5.28 6.90
N ASP A 81 5.55 4.33 7.61
CA ASP A 81 4.75 3.44 8.45
C ASP A 81 4.10 4.28 9.56
N VAL A 82 4.79 5.32 10.00
CA VAL A 82 4.31 6.14 11.10
C VAL A 82 3.22 7.12 10.67
N LYS A 83 3.34 7.66 9.47
CA LYS A 83 2.32 8.57 8.94
C LYS A 83 1.02 7.82 8.74
N GLU A 84 1.14 6.56 8.32
CA GLU A 84 -0.03 5.74 8.03
C GLU A 84 -0.65 5.27 9.34
N PHE A 85 0.19 5.00 10.33
CA PHE A 85 -0.28 4.64 11.66
C PHE A 85 -1.05 5.82 12.27
N ALA A 86 -0.71 7.02 11.83
CA ALA A 86 -1.32 8.21 12.40
C ALA A 86 -2.78 8.28 12.00
N LYS A 87 -3.07 7.95 10.75
CA LYS A 87 -4.44 7.92 10.24
C LYS A 87 -5.23 6.84 10.94
N MET A 88 -4.81 5.59 10.76
CA MET A 88 -5.45 4.44 11.40
C MET A 88 -5.78 4.67 12.86
N LEU A 89 -4.79 5.13 13.62
CA LEU A 89 -4.95 5.34 15.05
C LEU A 89 -5.47 6.73 15.38
N ARG A 90 -5.70 7.54 14.35
CA ARG A 90 -6.25 8.89 14.50
C ARG A 90 -5.46 9.79 15.46
N LEU A 91 -4.17 9.54 15.59
CA LEU A 91 -3.32 10.31 16.50
C LEU A 91 -3.17 11.74 16.00
N SER A 92 -2.76 12.66 16.87
CA SER A 92 -2.61 14.07 16.48
C SER A 92 -1.17 14.53 16.39
N TYR A 93 -0.90 15.41 15.43
CA TYR A 93 0.44 15.99 15.28
C TYR A 93 0.62 17.18 16.22
N PRO A 94 1.85 17.39 16.74
CA PRO A 94 3.08 16.67 16.39
C PRO A 94 3.25 15.34 17.12
N LEU A 95 4.22 14.56 16.65
CA LEU A 95 4.49 13.23 17.16
C LEU A 95 5.99 13.09 17.35
N GLU A 96 6.41 12.50 18.46
CA GLU A 96 7.82 12.23 18.67
C GLU A 96 7.97 10.74 18.91
N LEU A 97 8.92 10.13 18.22
CA LEU A 97 9.22 8.72 18.40
C LEU A 97 10.70 8.55 18.63
N GLN A 98 11.07 7.62 19.50
CA GLN A 98 12.46 7.41 19.84
C GLN A 98 12.74 5.91 19.91
N VAL A 99 13.94 5.51 19.54
CA VAL A 99 14.29 4.10 19.54
C VAL A 99 15.65 3.91 20.19
N SER A 100 15.79 2.88 21.02
CA SER A 100 17.05 2.59 21.67
C SER A 100 17.40 1.11 21.54
N ALA A 101 18.31 0.80 20.62
CA ALA A 101 18.64 -0.60 20.27
C ALA A 101 20.12 -0.91 20.43
N GLY A 102 20.45 -2.18 20.68
CA GLY A 102 21.83 -2.59 20.87
C GLY A 102 22.03 -3.92 21.58
N CYS A 103 23.24 -4.14 22.09
CA CYS A 103 23.57 -5.36 22.83
C CYS A 103 24.84 -5.14 23.64
N GLU A 104 25.27 -6.17 24.37
CA GLU A 104 26.55 -6.11 25.08
C GLU A 104 27.16 -7.49 25.33
N VAL A 105 28.44 -7.62 25.01
CA VAL A 105 29.13 -8.90 25.05
C VAL A 105 29.59 -9.30 26.45
N HIS A 106 29.13 -10.46 26.92
CA HIS A 106 29.53 -10.98 28.22
C HIS A 106 30.48 -12.15 28.06
N ASN A 112 23.53 -10.65 25.46
CA ASN A 112 22.14 -10.19 25.43
C ASN A 112 21.91 -8.82 24.76
N ASN A 113 20.73 -8.65 24.19
CA ASN A 113 20.39 -7.45 23.44
C ASN A 113 19.09 -6.77 23.88
N PHE A 114 18.62 -5.83 23.07
CA PHE A 114 17.43 -5.04 23.37
C PHE A 114 17.02 -4.18 22.17
N PHE A 115 15.78 -3.72 22.16
CA PHE A 115 15.23 -2.85 21.11
C PHE A 115 13.96 -2.19 21.64
N HIS A 116 14.08 -1.06 22.34
CA HIS A 116 12.90 -0.38 22.90
C HIS A 116 12.36 0.76 22.03
N VAL A 117 11.05 0.93 22.01
CA VAL A 117 10.44 2.07 21.31
C VAL A 117 9.58 2.95 22.24
N ALA A 118 9.80 4.26 22.18
CA ALA A 118 9.03 5.22 22.97
C ALA A 118 8.24 6.19 22.09
N PHE A 119 7.11 6.66 22.62
CA PHE A 119 6.23 7.60 21.92
C PHE A 119 5.87 8.71 22.89
N GLN A 120 6.08 9.96 22.46
CA GLN A 120 5.94 11.13 23.34
C GLN A 120 6.72 10.97 24.65
N GLY A 121 7.79 10.20 24.61
CA GLY A 121 8.67 10.09 25.76
C GLY A 121 8.27 9.04 26.77
N LYS A 122 7.41 8.11 26.36
CA LYS A 122 7.02 7.01 27.25
C LYS A 122 7.13 5.70 26.49
N ASP A 123 7.56 4.65 27.18
CA ASP A 123 7.70 3.32 26.58
C ASP A 123 6.37 2.82 26.05
N ILE A 124 6.38 2.21 24.88
CA ILE A 124 5.18 1.56 24.36
C ILE A 124 5.43 0.09 23.96
N LEU A 125 6.50 -0.18 23.23
CA LEU A 125 6.82 -1.55 22.86
C LEU A 125 8.31 -1.86 22.83
N SER A 126 8.63 -3.08 22.41
CA SER A 126 10.00 -3.59 22.44
C SER A 126 10.05 -4.92 21.68
N PHE A 127 11.25 -5.36 21.30
CA PHE A 127 11.37 -6.59 20.52
C PHE A 127 11.87 -7.76 21.35
N GLN A 128 10.96 -8.60 21.82
CA GLN A 128 11.34 -9.75 22.64
C GLN A 128 11.33 -11.02 21.81
N GLY A 129 12.40 -11.82 21.91
CA GLY A 129 12.42 -13.14 21.29
C GLY A 129 12.43 -13.11 19.77
N THR A 130 11.24 -13.17 19.17
CA THR A 130 11.13 -13.14 17.72
C THR A 130 10.01 -12.24 17.22
N SER A 131 9.54 -11.34 18.07
CA SER A 131 8.36 -10.54 17.73
C SER A 131 8.21 -9.33 18.64
N TRP A 132 7.22 -8.49 18.34
CA TRP A 132 6.97 -7.28 19.10
C TRP A 132 5.96 -7.54 20.22
N GLU A 133 6.25 -7.00 21.40
CA GLU A 133 5.35 -7.07 22.55
C GLU A 133 5.18 -5.69 23.19
N PRO A 134 3.98 -5.41 23.72
CA PRO A 134 3.70 -4.13 24.40
C PRO A 134 4.44 -4.01 25.73
N THR A 135 4.37 -2.83 26.34
CA THR A 135 4.91 -2.63 27.69
C THR A 135 3.76 -2.61 28.69
N GLN A 136 4.04 -3.01 29.92
CA GLN A 136 3.02 -3.22 30.96
C GLN A 136 1.99 -2.08 31.10
N GLU A 137 2.43 -0.83 30.98
CA GLU A 137 1.54 0.31 31.20
C GLU A 137 1.22 1.08 29.90
N ALA A 138 0.85 0.35 28.85
CA ALA A 138 0.62 0.96 27.53
C ALA A 138 -0.86 1.11 27.19
N PRO A 139 -1.20 2.11 26.37
CA PRO A 139 -2.57 2.36 25.90
C PRO A 139 -3.15 1.18 25.12
N LEU A 140 -4.47 1.18 24.94
CA LEU A 140 -5.12 0.14 24.14
C LEU A 140 -4.77 0.25 22.66
N TRP A 141 -4.57 1.46 22.15
CA TRP A 141 -4.31 1.61 20.72
C TRP A 141 -3.00 0.96 20.28
N VAL A 142 -2.11 0.72 21.24
CA VAL A 142 -0.85 0.04 20.97
C VAL A 142 -1.10 -1.40 20.53
N ASN A 143 -2.15 -2.02 21.07
CA ASN A 143 -2.55 -3.35 20.65
C ASN A 143 -2.79 -3.42 19.15
N LEU A 144 -3.29 -2.33 18.58
CA LEU A 144 -3.54 -2.31 17.15
C LEU A 144 -2.23 -2.27 16.38
N ALA A 145 -1.29 -1.49 16.87
CA ALA A 145 0.02 -1.34 16.25
C ALA A 145 0.82 -2.64 16.34
N ILE A 146 0.82 -3.27 17.51
CA ILE A 146 1.47 -4.56 17.70
C ILE A 146 0.86 -5.64 16.80
N GLN A 147 -0.45 -5.56 16.58
CA GLN A 147 -1.14 -6.53 15.75
C GLN A 147 -0.69 -6.45 14.29
N VAL A 148 -0.39 -5.24 13.83
CA VAL A 148 0.04 -5.06 12.44
C VAL A 148 1.52 -5.36 12.27
N LEU A 149 2.37 -4.80 13.12
CA LEU A 149 3.81 -5.04 13.07
C LEU A 149 4.16 -6.53 13.04
N ASN A 150 3.40 -7.34 13.77
CA ASN A 150 3.69 -8.77 13.85
C ASN A 150 3.27 -9.59 12.63
N GLN A 151 2.82 -8.92 11.59
CA GLN A 151 2.48 -9.61 10.33
C GLN A 151 3.70 -9.70 9.40
N ASP A 152 4.63 -8.76 9.52
CA ASP A 152 5.79 -8.69 8.65
C ASP A 152 6.85 -9.70 9.07
N LYS A 153 6.77 -10.91 8.51
CA LYS A 153 7.67 -11.99 8.89
C LYS A 153 9.13 -11.68 8.58
N TRP A 154 9.38 -11.06 7.43
CA TRP A 154 10.74 -10.77 6.99
C TRP A 154 11.43 -9.77 7.90
N THR A 155 10.70 -8.75 8.35
CA THR A 155 11.25 -7.77 9.27
C THR A 155 11.53 -8.37 10.65
N ARG A 156 10.62 -9.21 11.13
CA ARG A 156 10.82 -9.88 12.40
C ARG A 156 12.06 -10.76 12.35
N GLU A 157 12.27 -11.47 11.25
CA GLU A 157 13.47 -12.29 11.09
C GLU A 157 14.71 -11.42 10.97
N THR A 158 14.57 -10.25 10.35
CA THR A 158 15.70 -9.36 10.15
C THR A 158 16.17 -8.67 11.44
N VAL A 159 15.24 -8.35 12.34
CA VAL A 159 15.64 -7.76 13.61
C VAL A 159 16.35 -8.80 14.51
N GLN A 160 15.92 -10.05 14.43
CA GLN A 160 16.57 -11.14 15.17
C GLN A 160 18.01 -11.32 14.74
N TRP A 161 18.20 -11.41 13.42
CA TRP A 161 19.53 -11.57 12.83
C TRP A 161 20.44 -10.39 13.21
N LEU A 162 19.86 -9.20 13.26
CA LEU A 162 20.65 -8.02 13.56
C LEU A 162 21.11 -7.97 15.02
N LEU A 163 20.24 -8.43 15.92
CA LEU A 163 20.54 -8.33 17.35
C LEU A 163 21.26 -9.55 17.88
N ASN A 164 20.93 -10.71 17.33
CA ASN A 164 21.48 -11.97 17.83
C ASN A 164 22.81 -12.33 17.17
N GLY A 165 23.08 -11.75 16.00
CA GLY A 165 24.23 -12.16 15.22
C GLY A 165 25.12 -11.04 14.70
N THR A 166 24.51 -9.98 14.17
CA THR A 166 25.29 -8.90 13.58
C THR A 166 25.91 -7.97 14.63
N CYS A 167 25.07 -7.52 15.56
CA CYS A 167 25.54 -6.64 16.63
C CYS A 167 26.66 -7.24 17.51
N PRO A 168 26.49 -8.46 18.05
CA PRO A 168 27.56 -9.00 18.91
C PRO A 168 28.88 -9.22 18.15
N GLN A 169 28.79 -9.63 16.90
CA GLN A 169 29.99 -9.81 16.08
C GLN A 169 30.64 -8.47 15.79
N PHE A 170 29.83 -7.42 15.74
CA PHE A 170 30.32 -6.07 15.47
C PHE A 170 31.05 -5.45 16.66
N VAL A 171 30.42 -5.52 17.82
CA VAL A 171 30.97 -4.96 19.07
C VAL A 171 32.38 -5.46 19.40
N SER A 172 32.64 -6.74 19.16
CA SER A 172 33.96 -7.32 19.40
C SER A 172 34.99 -6.69 18.48
N GLY A 173 34.68 -6.68 17.19
CA GLY A 173 35.50 -5.99 16.21
C GLY A 173 35.94 -4.61 16.67
N LEU A 174 35.03 -3.92 17.37
CA LEU A 174 35.34 -2.60 17.95
C LEU A 174 36.29 -2.69 19.11
N LEU A 175 36.05 -3.64 20.02
CA LEU A 175 36.81 -3.74 21.26
C LEU A 175 38.30 -4.07 21.08
N GLU A 176 38.62 -4.87 20.07
CA GLU A 176 40.02 -5.18 19.78
C GLU A 176 40.61 -4.14 18.82
N SER A 177 39.84 -3.09 18.57
CA SER A 177 40.23 -2.07 17.60
C SER A 177 40.33 -0.70 18.27
N GLY A 178 39.55 -0.51 19.33
CA GLY A 178 39.55 0.72 20.09
C GLY A 178 39.98 0.50 21.53
N LYS A 179 40.97 -0.37 21.73
CA LYS A 179 41.46 -0.72 23.05
C LYS A 179 42.31 0.39 23.67
N SER A 180 42.96 1.17 22.82
CA SER A 180 43.75 2.30 23.28
C SER A 180 42.84 3.37 23.88
N GLU A 181 41.92 3.87 23.07
CA GLU A 181 41.04 4.98 23.48
C GLU A 181 40.09 4.59 24.62
N LEU A 182 39.75 3.32 24.71
CA LEU A 182 38.83 2.87 25.74
C LEU A 182 39.52 2.73 27.09
N LYS A 183 40.76 2.24 27.07
CA LYS A 183 41.55 2.07 28.29
C LYS A 183 42.55 3.22 28.42
N LYS A 184 42.07 4.44 28.18
CA LYS A 184 42.89 5.63 28.23
C LYS A 184 42.59 6.38 29.53
N GLN A 185 43.59 7.09 30.04
CA GLN A 185 43.45 7.79 31.31
C GLN A 185 43.84 9.26 31.19
N VAL A 186 42.99 10.14 31.70
CA VAL A 186 43.25 11.58 31.67
C VAL A 186 43.13 12.16 33.08
N LYS A 187 44.10 12.97 33.47
CA LYS A 187 44.12 13.52 34.83
C LYS A 187 43.34 14.84 34.92
N PRO A 188 42.49 14.96 35.96
CA PRO A 188 41.71 16.18 36.17
C PRO A 188 42.53 17.25 36.88
N LYS A 189 42.01 18.47 36.90
CA LYS A 189 42.55 19.56 37.68
C LYS A 189 41.39 20.06 38.53
N ALA A 190 41.67 20.84 39.57
CA ALA A 190 40.59 21.29 40.45
C ALA A 190 40.85 22.63 41.12
N TRP A 191 39.76 23.34 41.43
CA TRP A 191 39.85 24.66 42.05
C TRP A 191 38.59 25.02 42.85
N LEU A 192 38.71 25.98 43.75
CA LEU A 192 37.60 26.39 44.62
C LEU A 192 37.09 27.79 44.29
N SER A 193 35.85 28.06 44.68
CA SER A 193 35.27 29.40 44.48
C SER A 193 34.20 29.74 45.52
N ARG A 194 33.70 30.97 45.46
CA ARG A 194 32.67 31.45 46.37
C ARG A 194 31.44 31.92 45.60
N GLY A 195 30.36 31.14 45.68
CA GLY A 195 29.14 31.45 44.96
C GLY A 195 28.26 32.48 45.65
N PRO A 196 26.97 32.50 45.29
CA PRO A 196 25.98 33.43 45.87
C PRO A 196 25.51 33.00 47.25
N SER A 197 25.63 33.91 48.23
CA SER A 197 25.27 33.60 49.61
C SER A 197 23.79 33.29 49.78
N PRO A 198 23.48 32.36 50.69
CA PRO A 198 22.09 32.04 51.08
C PRO A 198 21.51 33.12 51.97
N GLY A 201 24.03 34.91 58.11
CA GLY A 201 25.24 35.11 57.34
C GLY A 201 25.85 33.80 56.87
N ARG A 202 25.24 33.19 55.85
CA ARG A 202 25.75 31.96 55.28
C ARG A 202 26.66 32.23 54.09
N LEU A 203 27.35 31.19 53.64
CA LEU A 203 28.20 31.28 52.46
C LEU A 203 28.01 30.02 51.60
N LEU A 204 28.67 29.99 50.44
CA LEU A 204 28.57 28.83 49.55
C LEU A 204 29.94 28.42 49.02
N LEU A 205 30.44 27.28 49.49
CA LEU A 205 31.74 26.77 49.05
C LEU A 205 31.60 25.85 47.85
N VAL A 206 32.02 26.34 46.68
CA VAL A 206 31.91 25.59 45.42
C VAL A 206 33.25 24.97 45.02
N CYS A 207 33.23 23.68 44.68
CA CYS A 207 34.43 22.98 44.27
C CYS A 207 34.31 22.52 42.82
N HIS A 208 35.30 22.86 42.00
CA HIS A 208 35.26 22.57 40.56
C HIS A 208 36.31 21.55 40.16
N VAL A 209 35.86 20.41 39.61
CA VAL A 209 36.79 19.42 39.08
C VAL A 209 36.50 19.17 37.61
N SER A 210 37.49 19.40 36.75
CA SER A 210 37.29 19.40 35.31
C SER A 210 38.43 18.77 34.51
N GLY A 211 38.08 18.18 33.38
CA GLY A 211 39.05 17.67 32.43
C GLY A 211 39.52 16.24 32.67
N PHE A 212 38.63 15.38 33.13
CA PHE A 212 39.01 14.00 33.41
C PHE A 212 38.33 13.00 32.48
N TYR A 213 38.86 11.78 32.47
CA TYR A 213 38.37 10.70 31.63
C TYR A 213 39.03 9.42 32.11
N PRO A 214 38.28 8.30 32.18
CA PRO A 214 36.86 8.10 31.90
C PRO A 214 35.92 8.74 32.92
N LYS A 215 34.63 8.49 32.73
CA LYS A 215 33.57 9.14 33.50
C LYS A 215 33.50 8.89 35.03
N PRO A 216 33.66 7.62 35.49
CA PRO A 216 33.46 7.34 36.92
C PRO A 216 34.38 8.15 37.84
N VAL A 217 33.78 8.89 38.76
CA VAL A 217 34.52 9.80 39.61
C VAL A 217 33.97 9.83 41.03
N TRP A 218 34.67 10.54 41.91
CA TRP A 218 34.33 10.58 43.32
C TRP A 218 34.79 11.91 43.92
N VAL A 219 33.83 12.74 44.34
CA VAL A 219 34.12 14.05 44.91
C VAL A 219 33.19 14.38 46.08
N LYS A 220 33.78 14.66 47.25
CA LYS A 220 32.98 15.05 48.42
C LYS A 220 33.68 16.09 49.29
N TRP A 221 32.91 16.82 50.10
CA TRP A 221 33.46 17.78 51.05
C TRP A 221 33.74 17.09 52.38
N MET A 222 34.99 17.16 52.84
CA MET A 222 35.38 16.48 54.07
C MET A 222 36.19 17.40 54.98
N THR A 231 26.43 18.69 51.77
CA THR A 231 27.14 18.57 50.51
C THR A 231 26.18 18.24 49.38
N GLN A 232 26.23 19.03 48.30
CA GLN A 232 25.44 18.75 47.11
C GLN A 232 26.36 18.43 45.93
N PRO A 233 26.69 17.15 45.77
CA PRO A 233 27.51 16.68 44.64
C PRO A 233 26.73 16.83 43.33
N GLY A 234 27.14 17.77 42.49
CA GLY A 234 26.40 18.07 41.27
C GLY A 234 26.38 16.97 40.23
N ASP A 235 25.84 17.28 39.05
CA ASP A 235 25.79 16.34 37.95
C ASP A 235 27.11 16.34 37.20
N ILE A 236 27.42 15.22 36.55
CA ILE A 236 28.60 15.17 35.68
C ILE A 236 28.27 15.73 34.31
N LEU A 237 28.92 16.83 33.96
CA LEU A 237 28.64 17.58 32.75
C LEU A 237 29.75 17.36 31.72
N PRO A 238 29.37 17.28 30.43
CA PRO A 238 30.33 16.99 29.35
C PRO A 238 31.14 18.19 28.88
N ASN A 239 32.42 17.95 28.58
CA ASN A 239 33.24 18.91 27.82
C ASN A 239 33.27 18.50 26.35
N ALA A 240 33.63 19.43 25.47
CA ALA A 240 33.59 19.14 24.03
C ALA A 240 34.76 18.28 23.50
N ASP A 241 35.69 17.89 24.35
CA ASP A 241 36.74 16.96 23.94
C ASP A 241 36.62 15.61 24.66
N GLU A 242 35.38 15.19 24.90
CA GLU A 242 35.08 13.92 25.54
C GLU A 242 35.69 13.79 26.93
N THR A 243 36.09 14.90 27.52
CA THR A 243 36.45 14.93 28.93
C THR A 243 35.22 15.40 29.72
N TRP A 244 35.24 15.21 31.04
CA TRP A 244 34.08 15.56 31.85
C TRP A 244 34.34 16.69 32.85
N TYR A 245 33.30 17.09 33.58
CA TYR A 245 33.36 18.21 34.51
C TYR A 245 32.42 17.98 35.68
N LEU A 246 32.83 18.39 36.87
CA LEU A 246 32.00 18.22 38.06
C LEU A 246 32.05 19.45 38.97
N ARG A 247 30.96 19.68 39.70
CA ARG A 247 30.83 20.85 40.54
C ARG A 247 30.02 20.53 41.81
N ALA A 248 30.71 20.21 42.89
CA ALA A 248 30.07 19.92 44.16
C ALA A 248 30.06 21.16 45.06
N THR A 249 28.99 21.33 45.83
CA THR A 249 28.83 22.54 46.65
C THR A 249 28.56 22.22 48.12
N LEU A 250 28.64 23.24 48.95
CA LEU A 250 28.38 23.11 50.38
C LEU A 250 27.91 24.42 50.99
N ASP A 251 26.94 24.33 51.90
CA ASP A 251 26.39 25.50 52.57
C ASP A 251 26.95 25.66 53.98
N VAL A 252 27.53 26.83 54.25
CA VAL A 252 28.12 27.11 55.56
C VAL A 252 28.19 28.61 55.84
N LEU A 260 37.78 23.05 56.42
CA LEU A 260 37.02 22.48 55.32
C LEU A 260 37.93 22.15 54.14
N SER A 261 37.73 20.98 53.55
CA SER A 261 38.56 20.51 52.44
C SER A 261 37.73 19.87 51.32
N CYS A 262 38.32 19.78 50.13
CA CYS A 262 37.69 19.13 48.99
C CYS A 262 38.58 18.00 48.49
N ARG A 263 38.03 16.79 48.38
CA ARG A 263 38.81 15.61 48.04
C ARG A 263 38.28 14.89 46.79
N VAL A 264 39.18 14.61 45.85
CA VAL A 264 38.80 13.95 44.61
C VAL A 264 39.59 12.65 44.39
N LYS A 265 38.85 11.56 44.22
CA LYS A 265 39.46 10.29 43.83
C LYS A 265 39.13 10.00 42.38
N HIS A 266 40.02 9.27 41.70
CA HIS A 266 39.86 8.94 40.30
C HIS A 266 40.86 7.86 39.91
N SER A 267 40.53 7.10 38.88
CA SER A 267 41.41 6.00 38.45
C SER A 267 42.76 6.52 37.98
N SER A 268 42.75 7.66 37.29
CA SER A 268 43.97 8.29 36.79
C SER A 268 44.95 8.62 37.91
N LEU A 269 44.40 8.83 39.11
CA LEU A 269 45.20 9.10 40.30
C LEU A 269 45.41 7.82 41.09
N GLU A 270 46.51 7.11 40.81
CA GLU A 270 46.78 5.84 41.47
C GLU A 270 46.76 5.95 43.00
N GLY A 271 45.56 6.12 43.55
CA GLY A 271 45.39 6.21 45.00
C GLY A 271 45.64 7.60 45.55
N GLN A 272 46.61 8.30 44.96
CA GLN A 272 46.97 9.65 45.40
C GLN A 272 45.86 10.64 45.06
N ASP A 273 45.02 10.95 46.04
CA ASP A 273 43.87 11.81 45.84
C ASP A 273 44.23 13.28 45.67
N ILE A 274 43.29 14.07 45.15
CA ILE A 274 43.49 15.50 44.92
C ILE A 274 42.84 16.33 46.02
N VAL A 275 43.60 16.64 47.07
CA VAL A 275 43.06 17.38 48.20
C VAL A 275 43.33 18.88 48.11
N LEU A 276 42.26 19.67 48.08
CA LEU A 276 42.37 21.12 48.04
C LEU A 276 41.73 21.76 49.27
N TYR A 277 42.48 22.60 49.98
CA TYR A 277 42.00 23.20 51.22
C TYR A 277 41.52 24.62 51.06
N TRP A 278 40.58 25.02 51.92
CA TRP A 278 40.03 26.37 51.89
C TRP A 278 40.74 27.29 52.90
N GLN B 2 5.44 18.11 27.82
CA GLN B 2 5.76 17.26 28.97
C GLN B 2 6.86 17.84 29.88
N ARG B 3 8.12 17.67 29.51
CA ARG B 3 9.24 17.96 30.42
C ARG B 3 10.02 19.24 30.12
N THR B 4 10.30 20.02 31.17
CA THR B 4 10.98 21.31 31.07
C THR B 4 12.50 21.21 31.30
N PRO B 5 13.30 22.02 30.57
CA PRO B 5 14.76 21.86 30.51
C PRO B 5 15.51 22.40 31.72
N LYS B 6 16.60 21.73 32.07
CA LYS B 6 17.53 22.26 33.05
C LYS B 6 18.77 22.83 32.34
N ILE B 7 19.17 24.04 32.72
CA ILE B 7 20.27 24.74 32.05
C ILE B 7 21.47 24.96 32.97
N GLN B 8 22.65 24.59 32.53
CA GLN B 8 23.85 24.77 33.33
C GLN B 8 24.99 25.34 32.50
N VAL B 9 25.60 26.42 33.02
CA VAL B 9 26.70 27.09 32.34
C VAL B 9 28.00 26.96 33.13
N TYR B 10 29.08 26.66 32.43
CA TYR B 10 30.38 26.43 33.05
C TYR B 10 31.49 26.58 32.02
N SER B 11 32.75 26.47 32.44
CA SER B 11 33.87 26.68 31.53
C SER B 11 34.92 25.57 31.60
N ARG B 12 35.61 25.35 30.50
CA ARG B 12 36.55 24.23 30.37
C ARG B 12 37.74 24.32 31.33
N HIS B 13 38.28 25.53 31.47
CA HIS B 13 39.43 25.77 32.34
C HIS B 13 39.07 26.86 33.35
N PRO B 14 39.87 26.98 34.43
CA PRO B 14 39.67 28.12 35.32
C PRO B 14 39.79 29.42 34.53
N ALA B 15 38.92 30.38 34.82
CA ALA B 15 38.88 31.60 34.03
C ALA B 15 39.86 32.66 34.54
N GLU B 16 40.99 32.78 33.86
CA GLU B 16 41.93 33.88 34.09
C GLU B 16 41.72 34.95 33.03
N ASN B 17 41.56 36.20 33.44
CA ASN B 17 41.26 37.27 32.51
C ASN B 17 42.34 37.45 31.44
N GLY B 18 41.99 37.11 30.20
CA GLY B 18 42.90 37.31 29.08
C GLY B 18 43.41 36.05 28.45
N LYS B 19 43.23 34.92 29.13
CA LYS B 19 43.66 33.64 28.59
C LYS B 19 42.50 32.91 27.91
N SER B 20 42.81 32.17 26.85
CA SER B 20 41.79 31.49 26.05
C SER B 20 41.11 30.36 26.82
N ASN B 21 39.81 30.18 26.58
CA ASN B 21 39.03 29.21 27.31
C ASN B 21 37.89 28.69 26.42
N PHE B 22 37.07 27.80 26.98
CA PHE B 22 35.87 27.34 26.28
C PHE B 22 34.64 27.58 27.15
N LEU B 23 33.56 28.10 26.54
CA LEU B 23 32.31 28.35 27.25
C LEU B 23 31.24 27.33 26.88
N ASN B 24 30.82 26.53 27.86
CA ASN B 24 29.84 25.46 27.66
C ASN B 24 28.44 25.78 28.18
N CYS B 25 27.42 25.39 27.42
CA CYS B 25 26.04 25.41 27.90
C CYS B 25 25.44 24.03 27.68
N TYR B 26 24.89 23.47 28.75
CA TYR B 26 24.39 22.09 28.73
C TYR B 26 22.91 22.09 29.11
N VAL B 27 22.04 21.96 28.11
CA VAL B 27 20.60 21.94 28.35
C VAL B 27 20.14 20.49 28.36
N SER B 28 19.29 20.12 29.32
CA SER B 28 18.91 18.72 29.46
C SER B 28 17.58 18.50 30.17
N GLY B 29 17.10 17.25 30.12
CA GLY B 29 15.92 16.84 30.85
C GLY B 29 14.63 17.38 30.28
N PHE B 30 14.60 17.59 28.97
CA PHE B 30 13.41 18.15 28.34
C PHE B 30 12.74 17.21 27.34
N HIS B 31 11.53 17.58 26.92
CA HIS B 31 10.72 16.80 26.01
C HIS B 31 9.47 17.60 25.68
N PRO B 32 9.15 17.81 24.39
CA PRO B 32 9.72 17.19 23.19
C PRO B 32 11.07 17.78 22.75
N SER B 33 11.61 17.30 21.63
CA SER B 33 12.94 17.71 21.17
C SER B 33 13.05 19.08 20.49
N ASP B 34 11.92 19.70 20.13
CA ASP B 34 11.96 20.99 19.46
C ASP B 34 12.36 22.10 20.43
N ILE B 35 13.55 22.68 20.22
CA ILE B 35 14.09 23.70 21.13
C ILE B 35 15.02 24.69 20.42
N GLU B 36 15.11 25.89 20.97
CA GLU B 36 16.06 26.91 20.51
C GLU B 36 17.02 27.24 21.64
N VAL B 37 18.30 27.37 21.33
CA VAL B 37 19.33 27.57 22.35
C VAL B 37 20.39 28.57 21.91
N ASP B 38 20.62 29.63 22.70
CA ASP B 38 21.60 30.65 22.32
C ASP B 38 22.65 30.99 23.38
N LEU B 39 23.90 31.11 22.96
CA LEU B 39 24.92 31.66 23.84
C LEU B 39 25.00 33.17 23.64
N LEU B 40 24.90 33.92 24.73
CA LEU B 40 24.85 35.37 24.66
C LEU B 40 26.12 36.02 25.19
N LYS B 41 26.62 37.01 24.47
CA LYS B 41 27.72 37.82 24.95
C LYS B 41 27.24 39.25 25.03
N ASN B 42 27.28 39.84 26.22
CA ASN B 42 26.77 41.18 26.43
C ASN B 42 25.37 41.36 25.86
N GLY B 43 24.52 40.35 26.02
CA GLY B 43 23.12 40.46 25.62
C GLY B 43 22.78 40.08 24.19
N GLU B 44 23.80 39.90 23.35
CA GLU B 44 23.59 39.56 21.94
C GLU B 44 23.99 38.13 21.64
N ARG B 45 23.19 37.47 20.81
CA ARG B 45 23.44 36.09 20.38
C ARG B 45 24.78 35.90 19.66
N ILE B 46 25.59 34.95 20.16
CA ILE B 46 26.86 34.61 19.52
C ILE B 46 26.61 33.72 18.31
N GLU B 47 26.87 34.23 17.12
CA GLU B 47 26.50 33.53 15.88
C GLU B 47 27.45 32.38 15.51
N LYS B 48 28.65 32.38 16.09
CA LYS B 48 29.66 31.38 15.76
C LYS B 48 29.79 30.29 16.83
N VAL B 49 28.71 29.57 17.11
CA VAL B 49 28.74 28.53 18.13
C VAL B 49 28.56 27.12 17.58
N GLU B 50 29.18 26.16 18.24
CA GLU B 50 29.06 24.75 17.88
C GLU B 50 28.15 24.04 18.88
N HIS B 51 27.64 22.87 18.50
CA HIS B 51 26.88 22.05 19.43
C HIS B 51 27.07 20.56 19.21
N SER B 52 26.67 19.76 20.19
CA SER B 52 26.76 18.31 20.12
C SER B 52 25.53 17.76 19.42
N ASP B 53 25.58 16.49 19.05
CA ASP B 53 24.42 15.84 18.45
C ASP B 53 23.36 15.58 19.51
N LEU B 54 22.10 15.85 19.17
CA LEU B 54 20.99 15.65 20.09
C LEU B 54 20.98 14.20 20.48
N SER B 55 20.72 13.94 21.76
CA SER B 55 20.76 12.58 22.30
C SER B 55 19.81 12.50 23.48
N PHE B 56 19.64 11.31 24.04
CA PHE B 56 18.75 11.16 25.19
C PHE B 56 19.23 10.18 26.25
N SER B 57 18.68 10.32 27.45
CA SER B 57 19.10 9.53 28.61
C SER B 57 18.22 8.32 28.76
N LYS B 58 18.33 7.61 29.88
CA LYS B 58 17.58 6.37 30.09
C LYS B 58 16.08 6.60 30.26
N ASP B 59 15.72 7.78 30.75
CA ASP B 59 14.31 8.12 31.00
C ASP B 59 13.68 8.81 29.80
N TRP B 60 14.29 8.61 28.63
CA TRP B 60 13.81 9.12 27.34
C TRP B 60 13.84 10.64 27.15
N SER B 61 14.37 11.39 28.13
CA SER B 61 14.41 12.83 28.00
C SER B 61 15.65 13.27 27.21
N PHE B 62 15.59 14.45 26.59
CA PHE B 62 16.65 14.88 25.68
C PHE B 62 17.71 15.70 26.39
N TYR B 63 18.89 15.84 25.77
CA TYR B 63 19.96 16.66 26.33
C TYR B 63 20.94 17.12 25.26
N LEU B 64 21.50 18.31 25.45
CA LEU B 64 22.32 19.01 24.46
C LEU B 64 23.45 19.80 25.11
N LEU B 65 24.57 19.92 24.41
CA LEU B 65 25.67 20.78 24.85
C LEU B 65 26.02 21.78 23.79
N TYR B 66 25.99 23.07 24.14
CA TYR B 66 26.47 24.10 23.22
C TYR B 66 27.82 24.64 23.72
N TYR B 67 28.72 24.95 22.80
CA TYR B 67 30.04 25.44 23.20
C TYR B 67 30.68 26.38 22.18
N THR B 68 31.58 27.22 22.69
CA THR B 68 32.30 28.15 21.85
C THR B 68 33.61 28.53 22.55
N GLU B 69 34.61 28.93 21.77
CA GLU B 69 35.83 29.47 22.32
C GLU B 69 35.57 30.91 22.74
N PHE B 70 36.25 31.39 23.77
CA PHE B 70 36.11 32.78 24.20
C PHE B 70 37.25 33.15 25.12
N THR B 71 37.51 34.45 25.22
CA THR B 71 38.51 34.96 26.15
C THR B 71 37.84 35.86 27.17
N PRO B 72 37.75 35.39 28.42
CA PRO B 72 37.17 36.18 29.50
C PRO B 72 37.83 37.54 29.66
N THR B 73 37.02 38.55 29.98
CA THR B 73 37.53 39.84 30.43
C THR B 73 36.67 40.28 31.61
N GLU B 74 37.16 41.24 32.38
CA GLU B 74 36.45 41.71 33.57
C GLU B 74 35.08 42.29 33.27
N LYS B 75 34.98 43.00 32.14
CA LYS B 75 33.76 43.72 31.79
C LYS B 75 32.71 42.89 31.08
N ASP B 76 33.15 41.87 30.34
CA ASP B 76 32.25 41.05 29.51
C ASP B 76 31.31 40.18 30.33
N GLU B 77 30.02 40.22 29.99
CA GLU B 77 29.02 39.40 30.66
C GLU B 77 28.39 38.37 29.71
N TYR B 78 28.56 37.08 30.02
CA TYR B 78 28.07 35.99 29.18
C TYR B 78 26.86 35.27 29.80
N ALA B 79 26.07 34.61 28.95
CA ALA B 79 24.85 33.93 29.39
C ALA B 79 24.36 32.89 28.38
N CYS B 80 23.28 32.20 28.72
CA CYS B 80 22.69 31.19 27.85
C CYS B 80 21.17 31.36 27.84
N ARG B 81 20.60 31.54 26.65
CA ARG B 81 19.16 31.70 26.52
C ARG B 81 18.56 30.44 25.91
N VAL B 82 17.42 30.02 26.44
CA VAL B 82 16.77 28.81 25.96
C VAL B 82 15.26 29.02 25.88
N ASN B 83 14.68 28.70 24.73
CA ASN B 83 13.23 28.71 24.58
C ASN B 83 12.68 27.31 24.24
N HIS B 84 11.61 26.91 24.93
CA HIS B 84 11.04 25.59 24.78
C HIS B 84 9.55 25.68 25.06
N VAL B 85 8.75 24.84 24.38
CA VAL B 85 7.30 24.92 24.45
C VAL B 85 6.74 24.97 25.89
N THR B 86 7.49 24.44 26.85
CA THR B 86 7.06 24.46 28.24
C THR B 86 7.30 25.80 28.95
N LEU B 87 7.95 26.74 28.26
CA LEU B 87 8.32 28.03 28.89
C LEU B 87 7.36 29.18 28.53
N SER B 88 7.00 29.98 29.53
CA SER B 88 6.18 31.17 29.30
C SER B 88 6.90 32.11 28.35
N GLN B 89 8.10 32.49 28.78
CA GLN B 89 8.97 33.37 28.03
C GLN B 89 10.40 32.80 28.12
N PRO B 90 11.31 33.23 27.22
CA PRO B 90 12.61 32.55 27.16
C PRO B 90 13.38 32.65 28.47
N LYS B 91 13.87 31.52 28.97
CA LYS B 91 14.66 31.50 30.20
C LYS B 91 16.13 31.88 29.93
N ILE B 92 16.72 32.64 30.84
CA ILE B 92 18.09 33.14 30.68
C ILE B 92 18.97 32.88 31.90
N VAL B 93 20.06 32.15 31.72
CA VAL B 93 20.97 31.83 32.82
C VAL B 93 22.36 32.44 32.60
N LYS B 94 22.72 33.40 33.46
CA LYS B 94 24.03 34.05 33.41
C LYS B 94 25.15 33.15 33.93
N TRP B 95 26.31 33.23 33.28
CA TRP B 95 27.50 32.51 33.72
C TRP B 95 28.17 33.26 34.87
N ASP B 96 28.18 32.65 36.05
CA ASP B 96 28.75 33.27 37.24
C ASP B 96 30.27 33.19 37.27
N ARG B 97 30.93 34.34 37.19
CA ARG B 97 32.38 34.41 37.29
C ARG B 97 32.85 34.11 38.71
N GLN C 4 4.70 3.17 -11.75
CA GLN C 4 5.23 2.28 -10.72
C GLN C 4 5.16 0.81 -11.13
N VAL C 5 4.06 0.41 -11.77
CA VAL C 5 3.89 -0.96 -12.28
C VAL C 5 3.42 -0.93 -13.72
N GLU C 6 4.16 -1.58 -14.62
CA GLU C 6 3.79 -1.61 -16.04
C GLU C 6 3.58 -3.04 -16.51
N GLN C 7 2.67 -3.21 -17.47
CA GLN C 7 2.42 -4.49 -18.10
C GLN C 7 2.56 -4.37 -19.62
N SER C 8 2.78 -5.49 -20.29
CA SER C 8 3.08 -5.50 -21.71
C SER C 8 2.74 -6.85 -22.27
N PRO C 9 1.99 -6.89 -23.38
CA PRO C 9 1.49 -5.76 -24.16
C PRO C 9 0.20 -5.16 -23.59
N GLN C 10 -0.35 -4.14 -24.25
CA GLN C 10 -1.63 -3.57 -23.84
C GLN C 10 -2.73 -4.57 -24.17
N SER C 11 -2.72 -5.05 -25.40
CA SER C 11 -3.57 -6.17 -25.76
C SER C 11 -2.91 -7.01 -26.86
N LEU C 12 -3.30 -8.26 -26.97
CA LEU C 12 -2.81 -9.15 -28.02
C LEU C 12 -3.85 -10.21 -28.35
N ILE C 13 -3.85 -10.67 -29.60
CA ILE C 13 -4.81 -11.65 -30.06
C ILE C 13 -4.10 -12.92 -30.51
N ILE C 14 -4.39 -14.05 -29.86
CA ILE C 14 -3.83 -15.33 -30.32
C ILE C 14 -4.91 -16.35 -30.72
N LEU C 15 -4.47 -17.42 -31.40
CA LEU C 15 -5.38 -18.53 -31.70
C LEU C 15 -5.24 -19.61 -30.62
N GLU C 16 -6.26 -20.45 -30.49
CA GLU C 16 -6.25 -21.49 -29.49
C GLU C 16 -5.15 -22.50 -29.77
N GLY C 17 -4.68 -23.18 -28.73
CA GLY C 17 -3.66 -24.20 -28.88
C GLY C 17 -2.23 -23.67 -28.82
N LYS C 18 -2.06 -22.36 -28.80
CA LYS C 18 -0.71 -21.78 -28.77
C LYS C 18 -0.31 -21.24 -27.40
N ASN C 19 0.98 -21.11 -27.16
CA ASN C 19 1.48 -20.56 -25.91
C ASN C 19 1.67 -19.06 -25.98
N CYS C 20 1.58 -18.39 -24.85
CA CYS C 20 1.94 -16.97 -24.81
C CYS C 20 2.67 -16.64 -23.51
N THR C 21 3.22 -15.44 -23.45
CA THR C 21 3.92 -14.97 -22.26
C THR C 21 3.61 -13.50 -22.04
N LEU C 22 3.19 -13.16 -20.83
CA LEU C 22 2.86 -11.78 -20.50
C LEU C 22 3.89 -11.19 -19.53
N GLN C 23 4.31 -9.95 -19.78
CA GLN C 23 5.30 -9.30 -18.92
C GLN C 23 4.67 -8.35 -17.88
N CYS C 24 5.44 -8.10 -16.81
CA CYS C 24 5.09 -7.16 -15.76
C CYS C 24 6.35 -6.52 -15.23
N ASN C 25 6.48 -5.20 -15.36
CA ASN C 25 7.66 -4.52 -14.82
C ASN C 25 7.34 -3.52 -13.74
N TYR C 26 8.16 -3.51 -12.69
CA TYR C 26 7.91 -2.62 -11.57
C TYR C 26 9.16 -1.85 -11.14
N THR C 27 8.94 -0.67 -10.58
CA THR C 27 10.02 0.14 -10.04
C THR C 27 9.80 0.30 -8.55
N VAL C 28 8.84 -0.44 -8.02
CA VAL C 28 8.49 -0.34 -6.61
C VAL C 28 9.64 -0.76 -5.70
N SER C 29 10.00 0.13 -4.78
CA SER C 29 10.97 -0.18 -3.73
C SER C 29 10.51 0.40 -2.40
N PRO C 30 10.58 -0.39 -1.30
CA PRO C 30 11.06 -1.77 -1.24
C PRO C 30 10.03 -2.77 -1.76
N PHE C 31 10.48 -3.99 -2.04
CA PHE C 31 9.61 -5.01 -2.59
C PHE C 31 9.30 -6.12 -1.59
N SER C 32 8.02 -6.47 -1.47
CA SER C 32 7.62 -7.61 -0.67
C SER C 32 7.18 -8.80 -1.54
N ASN C 33 6.07 -8.63 -2.25
CA ASN C 33 5.52 -9.70 -3.09
C ASN C 33 4.70 -9.21 -4.26
N LEU C 34 4.42 -10.12 -5.20
CA LEU C 34 3.81 -9.78 -6.47
C LEU C 34 2.73 -10.82 -6.77
N ARG C 35 1.56 -10.37 -7.23
CA ARG C 35 0.48 -11.30 -7.54
C ARG C 35 0.03 -11.15 -8.99
N TRP C 36 -0.49 -12.24 -9.56
CA TRP C 36 -1.12 -12.21 -10.87
C TRP C 36 -2.60 -12.53 -10.73
N TYR C 37 -3.46 -11.70 -11.31
CA TYR C 37 -4.91 -11.92 -11.28
C TYR C 37 -5.51 -12.13 -12.68
N LYS C 38 -6.62 -12.86 -12.74
CA LYS C 38 -7.33 -13.05 -14.01
C LYS C 38 -8.78 -12.56 -13.90
N GLN C 39 -9.16 -11.65 -14.79
CA GLN C 39 -10.49 -11.05 -14.75
C GLN C 39 -11.30 -11.29 -16.02
N ASP C 40 -12.33 -12.12 -15.92
CA ASP C 40 -13.25 -12.30 -17.04
C ASP C 40 -14.19 -11.09 -17.14
N THR C 41 -14.67 -10.82 -18.35
CA THR C 41 -15.53 -9.66 -18.58
C THR C 41 -16.74 -9.65 -17.66
N GLY C 42 -16.89 -8.58 -16.89
CA GLY C 42 -18.04 -8.43 -16.03
C GLY C 42 -17.99 -9.30 -14.78
N ARG C 43 -16.79 -9.65 -14.35
CA ARG C 43 -16.62 -10.45 -13.15
C ARG C 43 -15.55 -9.83 -12.25
N GLY C 44 -15.34 -10.39 -11.08
CA GLY C 44 -14.25 -9.96 -10.22
C GLY C 44 -12.93 -10.64 -10.59
N PRO C 45 -11.80 -10.01 -10.25
CA PRO C 45 -10.50 -10.65 -10.51
C PRO C 45 -10.30 -11.90 -9.65
N VAL C 46 -9.57 -12.88 -10.18
CA VAL C 46 -9.34 -14.13 -9.50
C VAL C 46 -7.84 -14.35 -9.31
N SER C 47 -7.46 -14.64 -8.07
CA SER C 47 -6.07 -14.92 -7.73
C SER C 47 -5.54 -16.13 -8.49
N LEU C 48 -4.39 -15.95 -9.13
CA LEU C 48 -3.70 -17.04 -9.80
C LEU C 48 -2.49 -17.47 -8.96
N THR C 49 -1.66 -16.50 -8.63
CA THR C 49 -0.39 -16.77 -7.93
C THR C 49 0.06 -15.58 -7.08
N ILE C 50 0.88 -15.85 -6.07
CA ILE C 50 1.60 -14.80 -5.36
C ILE C 50 3.05 -15.25 -5.11
N MET C 51 4.01 -14.35 -5.27
CA MET C 51 5.42 -14.70 -5.10
C MET C 51 6.21 -13.66 -4.33
N THR C 52 7.15 -14.11 -3.50
CA THR C 52 8.12 -13.23 -2.86
C THR C 52 9.48 -13.30 -3.56
N PHE C 53 10.42 -12.47 -3.13
CA PHE C 53 11.68 -12.37 -3.83
C PHE C 53 12.53 -13.65 -3.79
N SER C 54 12.28 -14.50 -2.80
CA SER C 54 13.12 -15.67 -2.61
C SER C 54 12.64 -16.86 -3.43
N GLU C 55 11.70 -16.60 -4.34
CA GLU C 55 11.16 -17.63 -5.22
C GLU C 55 11.27 -17.17 -6.67
N ASN C 56 11.67 -18.07 -7.55
CA ASN C 56 11.75 -17.71 -8.96
C ASN C 56 10.73 -18.42 -9.86
N THR C 57 9.87 -19.24 -9.26
CA THR C 57 8.87 -20.00 -10.03
C THR C 57 7.68 -20.51 -9.21
N LYS C 58 6.48 -20.35 -9.79
CA LYS C 58 5.25 -20.89 -9.23
C LYS C 58 4.25 -21.30 -10.33
N SER C 59 3.67 -22.49 -10.21
CA SER C 59 2.76 -23.00 -11.22
C SER C 59 1.37 -23.30 -10.65
N ASN C 60 0.36 -22.67 -11.25
CA ASN C 60 -1.03 -22.91 -10.87
C ASN C 60 -1.85 -23.41 -12.06
N GLY C 61 -1.82 -24.73 -12.26
CA GLY C 61 -2.48 -25.33 -13.41
C GLY C 61 -1.64 -25.14 -14.65
N ARG C 62 -2.28 -24.69 -15.73
CA ARG C 62 -1.56 -24.41 -16.97
C ARG C 62 -0.83 -23.08 -16.92
N TYR C 63 -1.03 -22.32 -15.84
CA TYR C 63 -0.38 -21.03 -15.63
C TYR C 63 0.93 -21.17 -14.87
N THR C 64 1.96 -20.46 -15.30
CA THR C 64 3.25 -20.49 -14.61
C THR C 64 3.93 -19.14 -14.57
N ALA C 65 4.13 -18.62 -13.37
CA ALA C 65 4.73 -17.32 -13.17
C ALA C 65 6.17 -17.47 -12.71
N THR C 66 7.05 -16.64 -13.27
CA THR C 66 8.42 -16.57 -12.77
C THR C 66 8.65 -15.16 -12.28
N LEU C 67 9.66 -14.98 -11.42
CA LEU C 67 9.98 -13.68 -10.86
C LEU C 67 11.47 -13.52 -10.70
N ASP C 68 12.06 -12.66 -11.51
CA ASP C 68 13.45 -12.29 -11.34
C ASP C 68 13.47 -10.99 -10.56
N ALA C 69 13.80 -11.07 -9.27
CA ALA C 69 13.79 -9.92 -8.38
C ALA C 69 14.88 -8.92 -8.74
N ASP C 70 15.99 -9.42 -9.26
CA ASP C 70 17.13 -8.58 -9.57
C ASP C 70 16.88 -7.57 -10.70
N THR C 71 16.02 -7.91 -11.65
CA THR C 71 15.68 -6.97 -12.73
C THR C 71 14.25 -6.47 -12.58
N LYS C 72 13.64 -6.73 -11.43
CA LYS C 72 12.26 -6.34 -11.12
C LYS C 72 11.29 -6.63 -12.26
N GLN C 73 11.23 -7.88 -12.67
CA GLN C 73 10.31 -8.34 -13.72
C GLN C 73 9.75 -9.70 -13.34
N SER C 74 8.49 -9.94 -13.69
CA SER C 74 7.87 -11.25 -13.57
C SER C 74 7.05 -11.50 -14.83
N SER C 75 7.07 -12.72 -15.32
CA SER C 75 6.29 -13.07 -16.50
C SER C 75 5.31 -14.21 -16.26
N LEU C 76 4.10 -14.06 -16.81
CA LEU C 76 3.08 -15.10 -16.74
C LEU C 76 3.04 -15.92 -18.03
N HIS C 77 3.22 -17.22 -17.92
N HIS C 77 3.27 -17.21 -17.91
CA HIS C 77 3.27 -18.09 -19.10
CA HIS C 77 3.25 -18.10 -19.06
C HIS C 77 2.09 -19.05 -19.20
C HIS C 77 1.96 -18.90 -19.08
N ILE C 78 1.23 -18.81 -20.18
CA ILE C 78 0.06 -19.67 -20.39
C ILE C 78 0.38 -20.80 -21.37
N THR C 79 0.20 -22.03 -20.92
CA THR C 79 0.48 -23.21 -21.75
C THR C 79 -0.80 -23.75 -22.38
N ALA C 80 -0.75 -23.99 -23.69
CA ALA C 80 -1.87 -24.56 -24.44
C ALA C 80 -3.15 -23.74 -24.30
N SER C 81 -3.12 -22.52 -24.82
CA SER C 81 -4.25 -21.59 -24.71
C SER C 81 -5.56 -22.16 -25.24
N GLN C 82 -6.66 -21.62 -24.75
CA GLN C 82 -7.99 -22.03 -25.18
C GLN C 82 -8.92 -20.84 -25.06
N LEU C 83 -10.16 -20.99 -25.52
CA LEU C 83 -11.10 -19.86 -25.57
C LEU C 83 -11.38 -19.27 -24.18
N SER C 84 -11.32 -20.10 -23.14
CA SER C 84 -11.61 -19.63 -21.79
C SER C 84 -10.44 -18.89 -21.14
N ASP C 85 -9.36 -18.70 -21.88
CA ASP C 85 -8.26 -17.89 -21.39
C ASP C 85 -8.43 -16.45 -21.83
N SER C 86 -9.45 -16.20 -22.65
CA SER C 86 -9.80 -14.83 -22.99
C SER C 86 -10.28 -14.09 -21.75
N ALA C 87 -9.52 -13.07 -21.35
CA ALA C 87 -9.84 -12.31 -20.16
C ALA C 87 -8.87 -11.15 -20.06
N SER C 88 -8.96 -10.41 -18.97
CA SER C 88 -8.00 -9.37 -18.67
C SER C 88 -7.08 -9.90 -17.58
N TYR C 89 -5.78 -9.71 -17.76
CA TYR C 89 -4.80 -10.24 -16.81
C TYR C 89 -4.10 -9.08 -16.10
N ILE C 90 -4.30 -8.98 -14.79
CA ILE C 90 -3.74 -7.89 -14.00
C ILE C 90 -2.61 -8.36 -13.10
N CYS C 91 -1.64 -7.47 -12.86
CA CYS C 91 -0.49 -7.76 -12.01
C CYS C 91 -0.35 -6.63 -11.00
N VAL C 92 -0.22 -6.99 -9.72
CA VAL C 92 -0.13 -6.00 -8.66
C VAL C 92 1.04 -6.27 -7.69
N VAL C 93 1.70 -5.20 -7.28
CA VAL C 93 2.85 -5.31 -6.39
C VAL C 93 2.55 -4.66 -5.04
N SER C 94 3.07 -5.25 -3.96
CA SER C 94 2.91 -4.71 -2.63
C SER C 94 4.25 -4.39 -2.02
N ASP C 95 4.35 -3.21 -1.40
CA ASP C 95 5.65 -2.76 -0.87
C ASP C 95 5.87 -3.06 0.61
N ARG C 96 4.99 -3.86 1.20
CA ARG C 96 5.15 -4.30 2.58
C ARG C 96 4.64 -5.72 2.77
N GLY C 97 5.23 -6.44 3.72
CA GLY C 97 4.77 -7.77 4.06
C GLY C 97 3.70 -7.71 5.13
N SER C 98 2.86 -6.68 5.10
CA SER C 98 1.74 -6.54 6.03
C SER C 98 0.59 -5.73 5.42
N THR C 99 -0.48 -5.50 6.15
CA THR C 99 -1.61 -4.77 5.59
C THR C 99 -1.33 -3.27 5.59
N LEU C 100 -0.15 -2.92 6.12
CA LEU C 100 0.27 -1.54 6.20
C LEU C 100 0.86 -1.08 4.86
N GLY C 101 1.00 -2.01 3.93
CA GLY C 101 1.62 -1.70 2.65
C GLY C 101 0.77 -0.87 1.72
N ARG C 102 1.31 -0.62 0.53
CA ARG C 102 0.57 0.07 -0.51
C ARG C 102 0.49 -0.92 -1.67
N LEU C 103 -0.64 -0.99 -2.37
CA LEU C 103 -0.75 -1.90 -3.51
C LEU C 103 -0.66 -1.10 -4.81
N TYR C 104 0.17 -1.57 -5.74
CA TYR C 104 0.30 -0.90 -7.03
C TYR C 104 -0.20 -1.79 -8.15
N PHE C 105 -1.15 -1.29 -8.94
CA PHE C 105 -1.81 -2.05 -10.01
C PHE C 105 -1.29 -1.71 -11.40
N GLY C 106 -1.22 -2.70 -12.28
CA GLY C 106 -0.95 -2.46 -13.69
C GLY C 106 -2.27 -2.14 -14.37
N ARG C 107 -2.23 -1.64 -15.59
CA ARG C 107 -3.45 -1.28 -16.31
C ARG C 107 -4.14 -2.52 -16.89
N GLY C 108 -3.53 -3.68 -16.70
CA GLY C 108 -4.06 -4.93 -17.19
C GLY C 108 -3.62 -5.20 -18.61
N THR C 109 -3.82 -6.44 -19.06
CA THR C 109 -3.55 -6.86 -20.42
C THR C 109 -4.75 -7.66 -20.91
N GLN C 110 -5.30 -7.28 -22.06
CA GLN C 110 -6.46 -7.98 -22.60
C GLN C 110 -6.00 -9.07 -23.55
N LEU C 111 -6.55 -10.28 -23.39
CA LEU C 111 -6.11 -11.43 -24.19
C LEU C 111 -7.29 -12.06 -24.94
N THR C 112 -7.26 -12.01 -26.27
CA THR C 112 -8.35 -12.61 -27.03
C THR C 112 -7.90 -13.92 -27.67
N VAL C 113 -8.67 -14.98 -27.49
CA VAL C 113 -8.31 -16.26 -28.06
C VAL C 113 -9.32 -16.73 -29.10
N TRP C 114 -8.88 -16.84 -30.35
CA TRP C 114 -9.76 -17.20 -31.46
C TRP C 114 -9.61 -18.67 -31.87
N PRO C 115 -10.64 -19.24 -32.49
CA PRO C 115 -10.52 -20.63 -32.92
C PRO C 115 -9.57 -20.77 -34.10
N ASP C 116 -8.85 -21.88 -34.16
CA ASP C 116 -8.00 -22.21 -35.30
C ASP C 116 -8.84 -22.91 -36.35
N ILE C 117 -9.71 -22.14 -37.02
CA ILE C 117 -10.62 -22.68 -38.04
C ILE C 117 -9.85 -23.30 -39.21
N GLN C 118 -9.66 -24.61 -39.18
CA GLN C 118 -8.87 -25.31 -40.20
C GLN C 118 -9.58 -25.43 -41.55
N ASN C 119 -10.83 -25.91 -41.54
CA ASN C 119 -11.60 -26.06 -42.77
C ASN C 119 -12.87 -25.20 -42.79
N PRO C 120 -12.76 -23.96 -43.29
CA PRO C 120 -13.86 -23.00 -43.35
C PRO C 120 -14.88 -23.29 -44.45
N ASP C 121 -16.04 -22.69 -44.34
CA ASP C 121 -17.09 -22.81 -45.35
C ASP C 121 -18.04 -21.64 -45.22
N PRO C 122 -17.58 -20.43 -45.62
CA PRO C 122 -18.29 -19.17 -45.37
C PRO C 122 -19.59 -19.04 -46.17
N ALA C 123 -20.70 -18.84 -45.46
CA ALA C 123 -22.03 -18.75 -46.09
C ALA C 123 -22.89 -17.68 -45.42
N VAL C 124 -23.92 -17.22 -46.13
CA VAL C 124 -24.87 -16.26 -45.56
C VAL C 124 -26.30 -16.78 -45.68
N TYR C 125 -26.92 -17.10 -44.54
CA TYR C 125 -28.26 -17.67 -44.52
C TYR C 125 -29.31 -16.67 -44.07
N GLN C 126 -30.58 -17.01 -44.32
CA GLN C 126 -31.70 -16.18 -43.89
C GLN C 126 -32.69 -17.01 -43.08
N LEU C 127 -32.79 -16.73 -41.79
CA LEU C 127 -33.68 -17.46 -40.89
C LEU C 127 -35.01 -16.72 -40.69
N ARG C 128 -36.09 -17.47 -40.45
CA ARG C 128 -37.44 -16.90 -40.34
C ARG C 128 -37.98 -16.84 -38.91
N ASP C 129 -38.85 -15.86 -38.66
CA ASP C 129 -39.31 -15.53 -37.31
C ASP C 129 -40.14 -16.61 -36.62
N SER C 130 -40.39 -16.39 -35.32
CA SER C 130 -41.27 -17.26 -34.54
C SER C 130 -41.63 -16.58 -33.22
N SER C 136 -37.45 -12.20 -39.92
CA SER C 136 -36.38 -12.33 -40.92
C SER C 136 -35.04 -11.76 -40.43
N VAL C 137 -33.98 -12.58 -40.51
CA VAL C 137 -32.65 -12.16 -40.02
C VAL C 137 -31.49 -12.91 -40.69
N CYS C 138 -30.51 -12.15 -41.20
CA CYS C 138 -29.38 -12.73 -41.93
C CYS C 138 -28.22 -13.20 -41.02
N LEU C 139 -27.73 -14.40 -41.29
CA LEU C 139 -26.68 -15.02 -40.48
C LEU C 139 -25.41 -15.27 -41.30
N PHE C 140 -24.31 -14.67 -40.88
CA PHE C 140 -23.01 -14.90 -41.51
C PHE C 140 -22.22 -15.87 -40.65
N THR C 141 -22.02 -17.10 -41.14
CA THR C 141 -21.43 -18.13 -40.29
C THR C 141 -20.29 -18.93 -40.93
N ASP C 142 -19.54 -19.63 -40.08
CA ASP C 142 -18.54 -20.62 -40.51
C ASP C 142 -17.39 -20.06 -41.36
N PHE C 143 -16.82 -18.94 -40.94
CA PHE C 143 -15.63 -18.41 -41.57
C PHE C 143 -14.47 -18.49 -40.59
N ASP C 144 -13.27 -18.13 -41.05
CA ASP C 144 -12.09 -18.22 -40.21
C ASP C 144 -11.83 -16.91 -39.50
N SER C 145 -10.80 -16.89 -38.66
CA SER C 145 -10.58 -15.77 -37.74
C SER C 145 -9.82 -14.60 -38.37
N GLN C 146 -9.32 -14.79 -39.58
CA GLN C 146 -8.66 -13.70 -40.30
C GLN C 146 -9.70 -12.74 -40.88
N THR C 147 -10.97 -13.11 -40.78
CA THR C 147 -12.08 -12.30 -41.29
C THR C 147 -12.74 -11.47 -40.18
N ASN C 148 -12.92 -10.18 -40.42
CA ASN C 148 -13.55 -9.30 -39.44
C ASN C 148 -14.87 -8.71 -39.93
N VAL C 149 -15.75 -8.40 -39.00
CA VAL C 149 -17.07 -7.88 -39.32
C VAL C 149 -17.18 -6.40 -38.99
N SER C 150 -17.57 -5.60 -39.97
CA SER C 150 -17.71 -4.16 -39.78
C SER C 150 -19.12 -3.78 -39.32
N GLN C 151 -19.25 -2.61 -38.73
CA GLN C 151 -20.55 -2.13 -38.26
C GLN C 151 -21.27 -1.38 -39.37
N SER C 152 -22.35 -0.67 -39.03
CA SER C 152 -23.13 0.07 -40.02
C SER C 152 -22.65 1.51 -40.18
N ASP C 154 -25.07 4.14 -40.58
CA ASP C 154 -26.51 3.99 -40.72
C ASP C 154 -27.17 3.57 -39.41
N SER C 155 -28.41 4.01 -39.20
CA SER C 155 -29.12 3.75 -37.95
C SER C 155 -30.07 2.56 -38.06
N ASP C 156 -30.78 2.48 -39.19
CA ASP C 156 -31.85 1.49 -39.37
C ASP C 156 -31.35 0.06 -39.57
N VAL C 157 -30.03 -0.14 -39.59
CA VAL C 157 -29.46 -1.48 -39.75
C VAL C 157 -28.54 -1.82 -38.59
N TYR C 158 -28.66 -3.05 -38.09
CA TYR C 158 -27.88 -3.51 -36.95
C TYR C 158 -27.04 -4.73 -37.31
N ILE C 159 -25.75 -4.68 -36.99
CA ILE C 159 -24.82 -5.78 -37.26
C ILE C 159 -23.99 -6.16 -36.03
N THR C 160 -23.95 -7.44 -35.72
CA THR C 160 -23.31 -7.94 -34.51
C THR C 160 -21.82 -8.26 -34.72
N ASP C 161 -21.05 -8.24 -33.62
CA ASP C 161 -19.63 -8.61 -33.63
C ASP C 161 -19.47 -10.11 -33.85
N LYS C 162 -18.30 -10.54 -34.32
CA LYS C 162 -18.07 -11.96 -34.56
C LYS C 162 -17.94 -12.71 -33.23
N CYS C 163 -18.32 -13.97 -33.22
CA CYS C 163 -18.49 -14.72 -31.97
C CYS C 163 -18.31 -16.23 -32.18
N VAL C 164 -17.74 -16.90 -31.17
CA VAL C 164 -17.42 -18.32 -31.25
C VAL C 164 -18.35 -19.23 -30.48
N LEU C 165 -18.89 -20.25 -31.15
CA LEU C 165 -19.58 -21.32 -30.44
C LEU C 165 -18.78 -22.61 -30.59
N ASP C 166 -18.83 -23.45 -29.56
CA ASP C 166 -18.09 -24.70 -29.54
C ASP C 166 -19.03 -25.88 -29.30
N MET C 167 -19.24 -26.68 -30.34
CA MET C 167 -20.05 -27.89 -30.24
C MET C 167 -19.19 -29.01 -29.69
N ARG C 168 -19.01 -29.01 -28.37
CA ARG C 168 -18.01 -29.84 -27.71
C ARG C 168 -18.21 -31.33 -27.89
N SER C 169 -19.46 -31.78 -27.86
CA SER C 169 -19.79 -33.20 -27.95
C SER C 169 -19.20 -33.86 -29.19
N MET C 170 -19.05 -33.08 -30.27
CA MET C 170 -18.58 -33.61 -31.54
C MET C 170 -17.38 -32.85 -32.10
N ASP C 171 -16.66 -32.13 -31.25
CA ASP C 171 -15.38 -31.52 -31.61
C ASP C 171 -15.46 -30.58 -32.82
N PHE C 172 -16.14 -29.44 -32.65
CA PHE C 172 -16.37 -28.50 -33.75
C PHE C 172 -16.64 -27.09 -33.23
N LYS C 173 -15.95 -26.11 -33.80
CA LYS C 173 -16.14 -24.71 -33.43
C LYS C 173 -16.37 -23.86 -34.67
N SER C 174 -17.16 -22.79 -34.53
CA SER C 174 -17.48 -21.95 -35.69
C SER C 174 -17.66 -20.49 -35.31
N ASN C 175 -17.26 -19.62 -36.23
CA ASN C 175 -17.50 -18.19 -36.08
C ASN C 175 -18.81 -17.81 -36.74
N SER C 176 -19.56 -16.92 -36.10
CA SER C 176 -20.82 -16.46 -36.66
C SER C 176 -21.11 -14.99 -36.32
N ALA C 177 -21.85 -14.34 -37.20
CA ALA C 177 -22.33 -12.98 -36.95
C ALA C 177 -23.75 -12.86 -37.48
N VAL C 178 -24.47 -11.85 -37.00
CA VAL C 178 -25.90 -11.71 -37.26
C VAL C 178 -26.27 -10.27 -37.58
N ALA C 179 -27.07 -10.07 -38.62
CA ALA C 179 -27.53 -8.73 -38.95
C ALA C 179 -29.04 -8.73 -39.16
N TRP C 180 -29.66 -7.57 -38.96
CA TRP C 180 -31.09 -7.41 -39.21
C TRP C 180 -31.42 -5.94 -39.40
N SER C 181 -32.63 -5.65 -39.87
CA SER C 181 -33.05 -4.25 -40.04
C SER C 181 -34.56 -4.07 -39.98
N ASN C 182 -34.99 -2.88 -39.57
CA ASN C 182 -36.40 -2.57 -39.43
C ASN C 182 -37.09 -2.33 -40.76
N LYS C 183 -36.30 -1.99 -41.78
CA LYS C 183 -36.83 -1.79 -43.13
C LYS C 183 -37.33 -3.11 -43.70
N SER C 184 -38.36 -3.04 -44.56
CA SER C 184 -38.97 -4.23 -45.13
C SER C 184 -38.46 -4.50 -46.54
N ASP C 185 -37.15 -4.39 -46.72
CA ASP C 185 -36.52 -4.56 -48.03
C ASP C 185 -35.07 -5.01 -47.88
N PHE C 186 -34.78 -5.63 -46.74
CA PHE C 186 -33.44 -6.07 -46.40
C PHE C 186 -33.08 -7.36 -47.13
N ALA C 187 -31.90 -7.40 -47.73
CA ALA C 187 -31.43 -8.58 -48.45
C ALA C 187 -30.14 -9.11 -47.82
N CYS C 188 -29.92 -10.41 -47.93
CA CYS C 188 -28.72 -11.02 -47.35
C CYS C 188 -27.48 -10.73 -48.17
N ALA C 189 -27.66 -10.44 -49.45
CA ALA C 189 -26.54 -10.13 -50.33
C ALA C 189 -26.03 -8.71 -50.08
N ASN C 190 -26.77 -7.94 -49.29
CA ASN C 190 -26.41 -6.56 -48.99
C ASN C 190 -26.16 -6.34 -47.52
N ALA C 191 -26.38 -7.38 -46.72
CA ALA C 191 -26.28 -7.28 -45.27
C ALA C 191 -24.90 -6.84 -44.83
N PHE C 192 -23.90 -7.65 -45.17
CA PHE C 192 -22.52 -7.40 -44.75
C PHE C 192 -21.73 -6.74 -45.87
N ASN C 193 -22.17 -5.54 -46.24
CA ASN C 193 -21.58 -4.79 -47.34
C ASN C 193 -20.32 -4.05 -46.90
N ASN C 194 -20.37 -3.47 -45.72
CA ASN C 194 -19.27 -2.68 -45.18
C ASN C 194 -18.09 -3.52 -44.70
N SER C 195 -18.27 -4.84 -44.68
CA SER C 195 -17.23 -5.74 -44.21
C SER C 195 -16.53 -6.42 -45.39
N ILE C 196 -15.33 -6.93 -45.15
CA ILE C 196 -14.62 -7.68 -46.19
C ILE C 196 -15.02 -9.14 -46.09
N ILE C 197 -15.58 -9.67 -47.17
CA ILE C 197 -16.05 -11.05 -47.21
C ILE C 197 -15.21 -11.85 -48.19
N PRO C 198 -14.90 -13.11 -47.84
CA PRO C 198 -14.19 -14.01 -48.77
C PRO C 198 -14.97 -14.18 -50.07
N GLU C 199 -14.26 -14.27 -51.19
CA GLU C 199 -14.89 -14.31 -52.51
C GLU C 199 -15.72 -15.58 -52.74
N ASP C 200 -15.51 -16.60 -51.91
CA ASP C 200 -16.23 -17.87 -52.04
C ASP C 200 -17.35 -18.01 -51.01
N THR C 201 -18.12 -16.94 -50.82
CA THR C 201 -19.21 -16.93 -49.86
C THR C 201 -20.54 -17.29 -50.53
N PHE C 202 -21.17 -18.36 -50.05
CA PHE C 202 -22.41 -18.87 -50.64
C PHE C 202 -23.59 -17.91 -50.47
N PHE C 203 -24.53 -17.97 -51.40
CA PHE C 203 -25.79 -17.23 -51.29
C PHE C 203 -26.97 -18.04 -51.80
N ASP D 4 -15.98 -16.06 -0.05
CA ASP D 4 -16.52 -15.54 1.21
C ASP D 4 -16.55 -14.01 1.21
N ILE D 5 -17.03 -13.42 0.13
CA ILE D 5 -17.22 -11.97 0.05
C ILE D 5 -18.35 -11.64 -0.93
N TYR D 6 -19.32 -10.87 -0.46
CA TYR D 6 -20.60 -10.77 -1.15
C TYR D 6 -20.94 -9.33 -1.55
N GLN D 7 -21.60 -9.18 -2.68
CA GLN D 7 -22.02 -7.86 -3.13
C GLN D 7 -23.43 -7.92 -3.66
N THR D 8 -24.34 -7.21 -3.00
CA THR D 8 -25.71 -7.12 -3.47
C THR D 8 -26.13 -5.65 -3.65
N PRO D 9 -26.85 -5.37 -4.73
CA PRO D 9 -27.32 -6.34 -5.72
C PRO D 9 -26.23 -6.54 -6.75
N ARG D 10 -26.51 -7.29 -7.81
CA ARG D 10 -25.55 -7.49 -8.87
C ARG D 10 -25.71 -6.36 -9.90
N TYR D 11 -26.95 -5.97 -10.17
CA TYR D 11 -27.25 -4.89 -11.10
C TYR D 11 -28.11 -3.83 -10.43
N LEU D 12 -28.12 -2.62 -10.97
CA LEU D 12 -28.85 -1.53 -10.33
C LEU D 12 -29.18 -0.38 -11.26
N VAL D 13 -30.47 -0.15 -11.48
CA VAL D 13 -30.93 1.04 -12.18
C VAL D 13 -31.44 2.04 -11.14
N ILE D 14 -31.23 3.33 -11.42
CA ILE D 14 -31.69 4.38 -10.53
C ILE D 14 -31.79 5.69 -11.30
N GLY D 15 -32.67 6.58 -10.86
CA GLY D 15 -32.87 7.86 -11.51
C GLY D 15 -31.95 8.93 -10.96
N THR D 16 -31.80 10.02 -11.70
CA THR D 16 -30.84 11.07 -11.35
C THR D 16 -31.27 11.89 -10.12
N GLY D 17 -30.31 12.23 -9.28
CA GLY D 17 -30.58 13.05 -8.11
C GLY D 17 -31.06 12.32 -6.87
N LYS D 18 -31.14 10.99 -6.94
CA LYS D 18 -31.55 10.19 -5.78
C LYS D 18 -30.34 9.58 -5.07
N LYS D 19 -30.55 9.09 -3.85
CA LYS D 19 -29.47 8.48 -3.08
C LYS D 19 -29.28 7.02 -3.47
N ILE D 20 -28.06 6.52 -3.34
CA ILE D 20 -27.73 5.14 -3.68
C ILE D 20 -26.85 4.54 -2.60
N THR D 21 -27.16 3.32 -2.21
CA THR D 21 -26.29 2.57 -1.29
C THR D 21 -25.89 1.20 -1.89
N LEU D 22 -24.61 0.84 -1.74
CA LEU D 22 -24.08 -0.39 -2.32
C LEU D 22 -23.58 -1.37 -1.27
N GLU D 23 -24.23 -2.51 -1.13
CA GLU D 23 -23.88 -3.47 -0.08
C GLU D 23 -22.66 -4.32 -0.42
N CYS D 24 -21.81 -4.55 0.57
CA CYS D 24 -20.70 -5.49 0.49
C CYS D 24 -20.46 -6.16 1.83
N SER D 25 -20.36 -7.48 1.85
CA SER D 25 -20.20 -8.19 3.11
C SER D 25 -19.27 -9.37 3.02
N GLN D 26 -18.63 -9.72 4.12
CA GLN D 26 -17.66 -10.82 4.17
C GLN D 26 -17.85 -11.65 5.43
N THR D 27 -17.79 -12.98 5.32
CA THR D 27 -18.03 -13.84 6.48
C THR D 27 -16.78 -14.20 7.29
N MET D 28 -15.60 -13.93 6.74
CA MET D 28 -14.38 -14.04 7.54
C MET D 28 -14.29 -12.82 8.46
N GLY D 29 -13.16 -12.66 9.12
CA GLY D 29 -13.01 -11.54 10.06
C GLY D 29 -11.94 -10.55 9.64
N HIS D 30 -11.64 -10.48 8.35
CA HIS D 30 -10.60 -9.58 7.85
C HIS D 30 -10.89 -8.13 8.17
N ASP D 31 -9.91 -7.44 8.76
CA ASP D 31 -10.04 -6.04 9.12
C ASP D 31 -9.95 -5.13 7.90
N LYS D 32 -8.95 -5.39 7.07
CA LYS D 32 -8.62 -4.55 5.91
C LYS D 32 -9.62 -4.76 4.78
N MET D 33 -10.25 -3.67 4.32
CA MET D 33 -11.20 -3.76 3.21
C MET D 33 -11.09 -2.57 2.23
N TYR D 34 -11.48 -2.78 0.97
CA TYR D 34 -11.24 -1.78 -0.09
C TYR D 34 -12.42 -1.64 -1.02
N TRP D 35 -12.64 -0.41 -1.51
CA TRP D 35 -13.62 -0.17 -2.58
C TRP D 35 -12.93 0.38 -3.80
N TYR D 36 -13.07 -0.33 -4.91
CA TYR D 36 -12.53 0.11 -6.19
C TYR D 36 -13.66 0.51 -7.15
N GLN D 37 -13.36 1.46 -8.04
CA GLN D 37 -14.27 1.81 -9.12
C GLN D 37 -13.59 1.58 -10.46
N GLN D 38 -14.24 0.84 -11.34
CA GLN D 38 -13.64 0.48 -12.63
C GLN D 38 -14.57 0.69 -13.82
N ASP D 39 -14.22 1.67 -14.66
CA ASP D 39 -14.96 1.92 -15.90
C ASP D 39 -14.62 0.84 -16.93
N PRO D 40 -15.62 0.45 -17.76
CA PRO D 40 -15.50 -0.61 -18.75
C PRO D 40 -14.30 -0.47 -19.68
N GLY D 41 -13.50 -1.52 -19.76
CA GLY D 41 -12.32 -1.53 -20.59
C GLY D 41 -11.16 -0.72 -20.03
N MET D 42 -11.06 -0.66 -18.71
CA MET D 42 -10.01 0.13 -18.09
C MET D 42 -9.60 -0.36 -16.70
N GLU D 43 -8.82 0.45 -16.00
CA GLU D 43 -8.14 0.05 -14.77
C GLU D 43 -8.97 0.18 -13.51
N LEU D 44 -8.48 -0.45 -12.44
CA LEU D 44 -9.10 -0.35 -11.14
C LEU D 44 -8.55 0.87 -10.42
N HIS D 45 -9.46 1.74 -9.95
CA HIS D 45 -9.05 2.86 -9.10
C HIS D 45 -9.60 2.72 -7.70
N LEU D 46 -8.72 2.85 -6.71
CA LEU D 46 -9.12 2.81 -5.31
C LEU D 46 -9.88 4.09 -4.96
N ILE D 47 -11.09 3.97 -4.42
CA ILE D 47 -11.84 5.16 -4.03
C ILE D 47 -12.04 5.27 -2.53
N HIS D 48 -11.95 4.14 -1.83
CA HIS D 48 -12.09 4.09 -0.36
C HIS D 48 -11.39 2.85 0.18
N TYR D 49 -11.00 2.89 1.46
CA TYR D 49 -10.54 1.68 2.17
C TYR D 49 -10.69 1.81 3.68
N SER D 50 -10.46 0.72 4.40
CA SER D 50 -10.64 0.71 5.85
C SER D 50 -9.69 -0.26 6.56
N TYR D 51 -9.11 0.18 7.68
CA TYR D 51 -8.27 -0.68 8.52
C TYR D 51 -9.06 -1.38 9.64
N GLY D 52 -10.37 -1.28 9.63
CA GLY D 52 -11.18 -1.83 10.69
C GLY D 52 -12.38 -0.95 10.98
N VAL D 53 -13.14 -1.28 12.02
CA VAL D 53 -14.35 -0.49 12.32
C VAL D 53 -14.02 0.95 12.75
N ASN D 54 -14.85 1.87 12.26
CA ASN D 54 -14.68 3.33 12.41
C ASN D 54 -13.53 3.92 11.56
N SER D 55 -12.84 3.07 10.81
CA SER D 55 -11.79 3.53 9.90
C SER D 55 -12.32 3.69 8.48
N THR D 56 -12.31 4.90 7.95
CA THR D 56 -12.81 5.16 6.60
C THR D 56 -11.98 6.22 5.89
N GLU D 57 -10.96 5.77 5.16
CA GLU D 57 -10.03 6.67 4.49
C GLU D 57 -10.35 6.80 3.00
N LYS D 58 -10.26 8.02 2.49
CA LYS D 58 -10.39 8.27 1.06
C LYS D 58 -9.21 7.64 0.32
N GLY D 59 -9.47 7.14 -0.88
CA GLY D 59 -8.45 6.45 -1.65
C GLY D 59 -7.87 7.29 -2.75
N ASP D 60 -7.05 6.66 -3.60
CA ASP D 60 -6.35 7.35 -4.68
C ASP D 60 -7.28 7.79 -5.80
N LEU D 61 -8.40 8.41 -5.42
CA LEU D 61 -9.35 8.99 -6.37
C LEU D 61 -10.40 9.79 -5.60
N SER D 62 -10.69 10.98 -6.10
CA SER D 62 -11.65 11.87 -5.45
C SER D 62 -13.07 11.69 -5.99
N SER D 63 -13.84 10.83 -5.32
CA SER D 63 -15.23 10.58 -5.69
C SER D 63 -16.15 11.39 -4.80
N GLU D 64 -17.42 11.52 -5.21
CA GLU D 64 -18.41 12.22 -4.41
C GLU D 64 -19.13 11.23 -3.48
N SER D 65 -18.53 10.06 -3.30
CA SER D 65 -19.13 9.01 -2.50
C SER D 65 -18.61 9.00 -1.06
N THR D 66 -19.29 8.24 -0.20
CA THR D 66 -18.83 8.06 1.18
C THR D 66 -19.03 6.61 1.63
N VAL D 67 -18.20 6.17 2.57
CA VAL D 67 -18.33 4.81 3.10
C VAL D 67 -18.56 4.83 4.59
N SER D 68 -18.94 3.68 5.15
CA SER D 68 -19.13 3.52 6.58
C SER D 68 -18.70 2.13 7.04
N ARG D 69 -17.99 2.03 8.15
CA ARG D 69 -17.58 0.74 8.71
C ARG D 69 -17.95 0.68 10.17
N ILE D 70 -19.19 0.30 10.44
CA ILE D 70 -19.74 0.32 11.79
C ILE D 70 -19.71 -1.11 12.35
N ARG D 71 -19.53 -2.06 11.43
CA ARG D 71 -19.53 -3.48 11.72
C ARG D 71 -18.43 -4.12 10.88
N THR D 72 -17.67 -5.07 11.44
CA THR D 72 -16.54 -5.67 10.73
C THR D 72 -16.94 -6.26 9.40
N GLU D 73 -18.03 -7.03 9.40
CA GLU D 73 -18.45 -7.76 8.21
C GLU D 73 -19.09 -6.91 7.10
N HIS D 74 -19.51 -5.69 7.39
CA HIS D 74 -20.18 -4.88 6.37
C HIS D 74 -19.46 -3.57 6.00
N PHE D 75 -19.34 -3.30 4.70
CA PHE D 75 -18.67 -2.10 4.20
C PHE D 75 -19.51 -1.41 3.11
N PRO D 76 -20.59 -0.73 3.51
CA PRO D 76 -21.48 -0.07 2.52
C PRO D 76 -20.90 1.19 1.87
N LEU D 77 -21.04 1.30 0.55
CA LEU D 77 -20.70 2.49 -0.20
C LEU D 77 -21.97 3.29 -0.48
N THR D 78 -21.88 4.60 -0.42
CA THR D 78 -23.08 5.44 -0.51
C THR D 78 -22.88 6.67 -1.38
N LEU D 79 -23.80 6.86 -2.31
CA LEU D 79 -23.82 8.05 -3.16
C LEU D 79 -24.88 9.03 -2.67
N GLU D 80 -24.42 10.17 -2.15
CA GLU D 80 -25.30 11.21 -1.62
C GLU D 80 -26.39 11.60 -2.61
N SER D 81 -25.98 12.07 -3.79
CA SER D 81 -26.92 12.40 -4.86
C SER D 81 -26.36 11.98 -6.22
N ALA D 82 -27.00 10.99 -6.83
CA ALA D 82 -26.50 10.37 -8.05
C ALA D 82 -26.60 11.24 -9.29
N ARG D 83 -25.53 11.25 -10.07
CA ARG D 83 -25.51 11.92 -11.36
C ARG D 83 -25.25 10.89 -12.45
N PRO D 84 -25.51 11.24 -13.72
CA PRO D 84 -25.25 10.29 -14.80
C PRO D 84 -23.78 9.85 -14.88
N SER D 85 -22.86 10.66 -14.38
CA SER D 85 -21.45 10.32 -14.50
C SER D 85 -20.99 9.29 -13.46
N HIS D 86 -21.95 8.78 -12.68
CA HIS D 86 -21.62 7.77 -11.67
C HIS D 86 -21.88 6.36 -12.20
N THR D 87 -22.24 6.28 -13.47
CA THR D 87 -22.45 4.99 -14.13
C THR D 87 -21.12 4.25 -14.32
N SER D 88 -20.98 3.13 -13.62
CA SER D 88 -19.73 2.35 -13.64
C SER D 88 -19.90 0.99 -12.97
N GLN D 89 -18.78 0.28 -12.81
CA GLN D 89 -18.75 -0.97 -12.08
C GLN D 89 -17.99 -0.77 -10.76
N TYR D 90 -18.53 -1.31 -9.66
CA TYR D 90 -17.94 -1.14 -8.33
C TYR D 90 -17.57 -2.45 -7.64
N LEU D 91 -16.27 -2.65 -7.40
CA LEU D 91 -15.77 -3.88 -6.77
C LEU D 91 -15.29 -3.68 -5.33
N CYS D 92 -15.70 -4.61 -4.47
CA CYS D 92 -15.30 -4.65 -3.08
C CYS D 92 -14.19 -5.69 -2.93
N ALA D 93 -13.30 -5.53 -1.94
CA ALA D 93 -12.20 -6.48 -1.74
C ALA D 93 -11.73 -6.55 -0.28
N SER D 94 -10.95 -7.58 0.07
CA SER D 94 -10.37 -7.63 1.41
C SER D 94 -8.99 -8.31 1.49
N SER D 95 -8.27 -8.07 2.60
CA SER D 95 -6.93 -8.65 2.79
C SER D 95 -6.81 -9.51 4.06
N GLY D 96 -6.13 -10.64 3.94
CA GLY D 96 -5.96 -11.56 5.05
C GLY D 96 -4.97 -12.67 4.79
N LEU D 97 -4.61 -13.40 5.85
CA LEU D 97 -3.63 -14.47 5.79
C LEU D 97 -4.25 -15.70 5.16
N ARG D 98 -3.52 -16.38 4.27
CA ARG D 98 -4.13 -17.45 3.50
C ARG D 98 -3.27 -18.71 3.37
N ASP D 99 -3.25 -19.25 2.16
CA ASP D 99 -2.59 -20.53 1.86
C ASP D 99 -1.14 -20.59 2.35
N ARG D 100 -0.36 -19.54 2.07
CA ARG D 100 0.98 -19.42 2.60
C ARG D 100 1.01 -18.46 3.79
N GLY D 101 2.18 -17.93 4.11
CA GLY D 101 2.32 -17.03 5.24
C GLY D 101 2.25 -15.57 4.87
N LEU D 102 1.46 -15.25 3.85
CA LEU D 102 1.35 -13.90 3.32
C LEU D 102 -0.11 -13.43 3.29
N TYR D 103 -0.31 -12.12 3.12
CA TYR D 103 -1.63 -11.53 3.15
C TYR D 103 -2.23 -11.26 1.76
N GLU D 104 -3.00 -12.21 1.26
CA GLU D 104 -3.56 -12.09 -0.08
C GLU D 104 -4.76 -11.16 -0.11
N GLN D 105 -5.13 -10.72 -1.31
CA GLN D 105 -6.31 -9.88 -1.50
C GLN D 105 -7.36 -10.68 -2.26
N TYR D 106 -8.61 -10.59 -1.79
CA TYR D 106 -9.71 -11.33 -2.40
C TYR D 106 -10.81 -10.36 -2.83
N PHE D 107 -11.31 -10.50 -4.06
CA PHE D 107 -12.30 -9.57 -4.58
C PHE D 107 -13.73 -10.11 -4.58
N GLY D 108 -14.69 -9.22 -4.33
CA GLY D 108 -16.09 -9.54 -4.50
C GLY D 108 -16.43 -9.66 -5.97
N PRO D 109 -17.68 -10.07 -6.27
CA PRO D 109 -18.09 -10.29 -7.66
C PRO D 109 -18.41 -8.99 -8.40
N GLY D 110 -18.81 -7.95 -7.69
CA GLY D 110 -19.08 -6.67 -8.32
C GLY D 110 -20.54 -6.33 -8.55
N THR D 111 -20.78 -5.04 -8.80
CA THR D 111 -22.12 -4.52 -9.05
C THR D 111 -22.07 -3.53 -10.19
N ARG D 112 -23.02 -3.64 -11.11
CA ARG D 112 -23.10 -2.69 -12.21
C ARG D 112 -24.21 -1.68 -11.93
N LEU D 113 -23.85 -0.40 -11.97
CA LEU D 113 -24.81 0.67 -11.72
C LEU D 113 -25.06 1.51 -12.97
N THR D 114 -26.31 1.72 -13.32
CA THR D 114 -26.68 2.66 -14.37
C THR D 114 -27.56 3.77 -13.79
N VAL D 115 -27.14 5.02 -13.97
CA VAL D 115 -27.93 6.17 -13.55
C VAL D 115 -28.62 6.80 -14.76
N THR D 116 -29.94 6.89 -14.73
CA THR D 116 -30.67 7.48 -15.84
C THR D 116 -31.28 8.83 -15.47
N GLU D 117 -31.73 9.59 -16.48
CA GLU D 117 -32.34 10.89 -16.26
C GLU D 117 -33.80 10.78 -15.83
N ASP D 118 -34.48 9.73 -16.26
CA ASP D 118 -35.87 9.51 -15.89
C ASP D 118 -36.29 8.05 -15.96
N LEU D 119 -37.08 7.63 -14.98
CA LEU D 119 -37.49 6.23 -14.86
C LEU D 119 -38.39 5.75 -16.00
N LYS D 120 -39.04 6.70 -16.69
CA LYS D 120 -39.85 6.37 -17.85
C LYS D 120 -38.98 5.86 -19.00
N ASN D 121 -37.67 6.00 -18.87
CA ASN D 121 -36.73 5.50 -19.88
C ASN D 121 -36.53 3.99 -19.81
N VAL D 122 -36.96 3.38 -18.70
CA VAL D 122 -36.75 1.96 -18.47
C VAL D 122 -37.79 1.08 -19.16
N PHE D 123 -37.32 0.14 -19.98
CA PHE D 123 -38.19 -0.84 -20.62
C PHE D 123 -37.60 -2.24 -20.52
N PRO D 124 -38.46 -3.24 -20.34
CA PRO D 124 -38.05 -4.65 -20.42
C PRO D 124 -37.86 -5.05 -21.87
N PRO D 125 -37.16 -6.16 -22.13
CA PRO D 125 -36.84 -6.52 -23.51
C PRO D 125 -37.98 -7.28 -24.19
N GLU D 126 -37.97 -7.29 -25.52
CA GLU D 126 -38.83 -8.18 -26.29
C GLU D 126 -37.93 -9.27 -26.86
N VAL D 127 -38.42 -10.50 -26.88
CA VAL D 127 -37.61 -11.64 -27.33
C VAL D 127 -38.31 -12.44 -28.42
N ALA D 128 -37.54 -12.88 -29.42
CA ALA D 128 -38.07 -13.71 -30.50
C ALA D 128 -37.02 -14.72 -30.97
N VAL D 129 -37.46 -15.94 -31.25
CA VAL D 129 -36.54 -16.96 -31.75
C VAL D 129 -36.74 -17.18 -33.25
N PHE D 130 -35.63 -17.19 -34.00
CA PHE D 130 -35.68 -17.41 -35.44
C PHE D 130 -35.18 -18.82 -35.77
N GLU D 131 -35.77 -19.42 -36.78
CA GLU D 131 -35.64 -20.85 -37.02
C GLU D 131 -34.72 -21.21 -38.21
N PRO D 132 -33.95 -22.30 -38.06
CA PRO D 132 -32.86 -22.70 -38.95
C PRO D 132 -33.18 -22.69 -40.44
N SER D 133 -32.23 -22.20 -41.24
CA SER D 133 -32.40 -22.11 -42.69
C SER D 133 -32.25 -23.48 -43.33
N GLU D 134 -32.91 -23.65 -44.48
CA GLU D 134 -32.89 -24.93 -45.19
C GLU D 134 -31.57 -25.13 -45.92
N ALA D 135 -31.01 -24.03 -46.42
CA ALA D 135 -29.74 -24.08 -47.13
C ALA D 135 -28.63 -24.65 -46.25
N GLU D 136 -28.58 -24.22 -44.99
CA GLU D 136 -27.54 -24.65 -44.06
C GLU D 136 -27.57 -26.16 -43.82
N ILE D 137 -28.77 -26.70 -43.65
CA ILE D 137 -28.94 -28.12 -43.32
C ILE D 137 -28.40 -29.04 -44.41
N SER D 138 -28.79 -28.81 -45.67
CA SER D 138 -28.30 -29.64 -46.76
C SER D 138 -27.00 -29.09 -47.35
N HIS D 139 -26.10 -28.65 -46.48
CA HIS D 139 -24.81 -28.12 -46.90
C HIS D 139 -23.77 -28.32 -45.80
N THR D 140 -24.25 -28.33 -44.56
CA THR D 140 -23.37 -28.52 -43.41
C THR D 140 -23.86 -29.66 -42.53
N GLN D 141 -25.10 -30.07 -42.76
CA GLN D 141 -25.78 -31.06 -41.91
C GLN D 141 -25.86 -30.57 -40.48
N LYS D 142 -25.95 -29.25 -40.32
CA LYS D 142 -26.07 -28.60 -39.01
C LYS D 142 -27.07 -27.45 -39.11
N ALA D 143 -27.76 -27.16 -38.02
CA ALA D 143 -28.80 -26.12 -38.02
C ALA D 143 -28.65 -25.15 -36.85
N THR D 144 -28.74 -23.85 -37.14
CA THR D 144 -28.48 -22.81 -36.15
C THR D 144 -29.71 -22.02 -35.76
N LEU D 145 -30.03 -22.04 -34.47
CA LEU D 145 -31.12 -21.23 -33.91
C LEU D 145 -30.58 -19.87 -33.47
N VAL D 146 -31.39 -18.82 -33.66
CA VAL D 146 -30.98 -17.47 -33.25
C VAL D 146 -32.04 -16.76 -32.39
N CYS D 147 -31.69 -16.50 -31.13
CA CYS D 147 -32.54 -15.73 -30.23
C CYS D 147 -32.21 -14.26 -30.36
N LEU D 148 -33.19 -13.40 -30.14
CA LEU D 148 -32.99 -11.97 -30.35
C LEU D 148 -33.81 -11.15 -29.36
N ALA D 149 -33.11 -10.35 -28.56
CA ALA D 149 -33.74 -9.49 -27.56
C ALA D 149 -33.59 -8.03 -27.97
N THR D 150 -34.70 -7.30 -28.01
CA THR D 150 -34.66 -5.90 -28.43
C THR D 150 -35.48 -4.99 -27.52
N GLY D 151 -35.13 -3.71 -27.54
CA GLY D 151 -35.91 -2.69 -26.85
C GLY D 151 -35.79 -2.65 -25.35
N PHE D 152 -34.63 -2.99 -24.79
CA PHE D 152 -34.48 -2.95 -23.33
C PHE D 152 -33.54 -1.86 -22.83
N TYR D 153 -33.82 -1.35 -21.63
CA TYR D 153 -32.98 -0.36 -20.99
C TYR D 153 -33.17 -0.44 -19.47
N PRO D 154 -32.06 -0.53 -18.72
CA PRO D 154 -30.69 -0.46 -19.23
C PRO D 154 -30.17 -1.80 -19.75
N ASP D 155 -28.88 -1.81 -20.10
CA ASP D 155 -28.19 -3.02 -20.53
C ASP D 155 -27.89 -3.95 -19.35
N HIS D 156 -28.94 -4.40 -18.67
CA HIS D 156 -28.79 -5.32 -17.55
C HIS D 156 -29.50 -6.61 -17.88
N VAL D 157 -28.80 -7.51 -18.55
CA VAL D 157 -29.42 -8.67 -19.19
C VAL D 157 -28.57 -9.94 -19.11
N GLU D 158 -29.20 -11.05 -18.72
CA GLU D 158 -28.55 -12.36 -18.76
C GLU D 158 -29.38 -13.35 -19.56
N LEU D 159 -28.78 -13.90 -20.62
CA LEU D 159 -29.50 -14.77 -21.54
C LEU D 159 -29.03 -16.20 -21.39
N SER D 160 -29.95 -17.15 -21.55
CA SER D 160 -29.62 -18.57 -21.50
C SER D 160 -30.48 -19.37 -22.47
N TRP D 161 -29.92 -20.44 -23.02
CA TRP D 161 -30.69 -21.35 -23.85
C TRP D 161 -31.19 -22.53 -23.03
N TRP D 162 -32.39 -23.00 -23.33
CA TRP D 162 -32.94 -24.17 -22.63
C TRP D 162 -33.40 -25.21 -23.63
N VAL D 163 -32.71 -26.34 -23.65
CA VAL D 163 -33.03 -27.43 -24.57
C VAL D 163 -33.88 -28.49 -23.87
N ASN D 164 -35.19 -28.44 -24.12
CA ASN D 164 -36.13 -29.36 -23.49
C ASN D 164 -36.13 -29.28 -21.97
N GLY D 165 -36.03 -28.07 -21.44
CA GLY D 165 -36.12 -27.85 -20.00
C GLY D 165 -34.85 -28.17 -19.25
N LYS D 166 -33.74 -28.20 -19.98
CA LYS D 166 -32.43 -28.42 -19.38
C LYS D 166 -31.39 -27.48 -20.00
N GLU D 167 -30.86 -26.58 -19.19
CA GLU D 167 -29.92 -25.57 -19.67
C GLU D 167 -28.61 -26.16 -20.21
N VAL D 168 -28.29 -25.82 -21.45
CA VAL D 168 -27.06 -26.30 -22.09
C VAL D 168 -26.01 -25.19 -22.21
N HIS D 169 -24.81 -25.59 -22.60
CA HIS D 169 -23.72 -24.64 -22.79
C HIS D 169 -22.95 -24.97 -24.08
N SER D 170 -23.13 -26.18 -24.58
CA SER D 170 -22.47 -26.60 -25.80
C SER D 170 -23.17 -25.97 -27.00
N GLY D 171 -22.40 -25.63 -28.03
CA GLY D 171 -22.93 -25.03 -29.23
C GLY D 171 -23.68 -23.74 -28.97
N VAL D 172 -23.24 -23.00 -27.96
CA VAL D 172 -23.86 -21.73 -27.58
C VAL D 172 -22.87 -20.58 -27.73
N CYS D 173 -23.37 -19.46 -28.22
CA CYS D 173 -22.58 -18.23 -28.36
C CYS D 173 -23.48 -17.06 -28.03
N THR D 174 -22.97 -16.08 -27.31
CA THR D 174 -23.76 -14.89 -27.00
C THR D 174 -22.87 -13.65 -27.07
N ASP D 175 -23.45 -12.55 -27.55
CA ASP D 175 -22.74 -11.28 -27.67
C ASP D 175 -22.11 -10.81 -26.36
N PRO D 176 -20.83 -10.39 -26.42
CA PRO D 176 -20.07 -9.88 -25.28
C PRO D 176 -20.65 -8.57 -24.75
N GLN D 177 -21.36 -7.84 -25.60
CA GLN D 177 -21.99 -6.59 -25.21
C GLN D 177 -23.18 -6.27 -26.12
N PRO D 178 -24.28 -5.78 -25.52
CA PRO D 178 -25.44 -5.35 -26.29
C PRO D 178 -25.11 -4.12 -27.12
N LEU D 179 -25.75 -3.97 -28.27
CA LEU D 179 -25.57 -2.78 -29.10
C LEU D 179 -26.75 -1.83 -28.96
N LYS D 180 -26.53 -0.55 -29.23
CA LYS D 180 -27.55 0.47 -29.08
C LYS D 180 -28.39 0.66 -30.35
N GLU D 181 -29.71 0.59 -30.20
CA GLU D 181 -30.63 0.72 -31.33
C GLU D 181 -30.51 2.07 -32.01
N GLN D 182 -30.34 3.12 -31.20
CA GLN D 182 -30.16 4.47 -31.69
C GLN D 182 -28.91 5.06 -31.05
N PRO D 183 -27.76 4.90 -31.72
CA PRO D 183 -26.44 5.27 -31.16
C PRO D 183 -26.30 6.76 -30.87
N ALA D 184 -27.30 7.55 -31.23
CA ALA D 184 -27.25 8.99 -31.05
C ALA D 184 -27.64 9.42 -29.62
N LEU D 185 -28.91 9.21 -29.26
CA LEU D 185 -29.43 9.63 -27.97
C LEU D 185 -28.62 9.11 -26.78
N ASN D 186 -28.39 9.96 -25.79
CA ASN D 186 -27.64 9.58 -24.59
C ASN D 186 -28.37 8.54 -23.75
N ASP D 187 -29.69 8.45 -23.93
CA ASP D 187 -30.50 7.42 -23.29
C ASP D 187 -31.19 6.58 -24.37
N SER D 188 -30.50 5.56 -24.85
CA SER D 188 -30.99 4.74 -25.95
C SER D 188 -31.18 3.30 -25.52
N ARG D 189 -32.10 2.60 -26.17
CA ARG D 189 -32.37 1.19 -25.87
C ARG D 189 -31.37 0.27 -26.57
N TYR D 190 -31.34 -0.99 -26.14
CA TYR D 190 -30.32 -1.94 -26.55
C TYR D 190 -30.90 -3.19 -27.19
N ALA D 191 -30.07 -3.90 -27.96
CA ALA D 191 -30.43 -5.21 -28.50
C ALA D 191 -29.30 -6.20 -28.24
N LEU D 192 -29.61 -7.49 -28.34
CA LEU D 192 -28.64 -8.53 -28.01
C LEU D 192 -29.02 -9.85 -28.69
N SER D 193 -28.03 -10.54 -29.25
CA SER D 193 -28.29 -11.79 -29.95
C SER D 193 -27.42 -12.95 -29.48
N SER D 194 -27.95 -14.16 -29.62
CA SER D 194 -27.30 -15.37 -29.17
C SER D 194 -27.51 -16.46 -30.19
N ARG D 195 -26.62 -17.46 -30.20
CA ARG D 195 -26.76 -18.56 -31.16
C ARG D 195 -26.67 -19.93 -30.51
N LEU D 196 -27.52 -20.85 -30.97
CA LEU D 196 -27.47 -22.24 -30.55
C LEU D 196 -27.43 -23.18 -31.76
N ARG D 197 -26.39 -24.00 -31.84
CA ARG D 197 -26.20 -24.85 -33.01
C ARG D 197 -26.24 -26.33 -32.66
N VAL D 198 -27.09 -27.08 -33.38
CA VAL D 198 -27.23 -28.51 -33.17
C VAL D 198 -27.13 -29.27 -34.48
N SER D 199 -27.07 -30.60 -34.40
CA SER D 199 -26.99 -31.43 -35.59
C SER D 199 -28.30 -31.32 -36.38
N ALA D 200 -28.21 -31.56 -37.69
CA ALA D 200 -29.37 -31.48 -38.56
C ALA D 200 -30.43 -32.47 -38.11
N THR D 201 -29.96 -33.63 -37.63
CA THR D 201 -30.87 -34.70 -37.21
C THR D 201 -31.62 -34.33 -35.95
N PHE D 202 -30.91 -33.76 -34.98
CA PHE D 202 -31.53 -33.41 -33.70
C PHE D 202 -32.63 -32.36 -33.86
N TRP D 203 -32.49 -31.52 -34.89
CA TRP D 203 -33.45 -30.45 -35.13
C TRP D 203 -34.73 -30.93 -35.80
N GLN D 204 -34.63 -31.98 -36.61
CA GLN D 204 -35.80 -32.48 -37.34
C GLN D 204 -36.61 -33.53 -36.57
N ASN D 205 -36.21 -33.80 -35.33
CA ASN D 205 -37.03 -34.60 -34.43
C ASN D 205 -38.03 -33.70 -33.70
N PRO D 206 -39.32 -33.91 -33.97
CA PRO D 206 -40.36 -32.98 -33.50
C PRO D 206 -40.78 -33.18 -32.04
N ARG D 207 -40.01 -33.95 -31.29
CA ARG D 207 -40.22 -34.06 -29.85
C ARG D 207 -39.35 -33.03 -29.12
N ASN D 208 -38.56 -32.29 -29.90
CA ASN D 208 -37.64 -31.30 -29.34
C ASN D 208 -38.24 -29.91 -29.23
N HIS D 209 -38.12 -29.32 -28.04
CA HIS D 209 -38.65 -27.99 -27.77
C HIS D 209 -37.52 -27.03 -27.37
N PHE D 210 -37.24 -26.06 -28.23
CA PHE D 210 -36.16 -25.11 -27.99
C PHE D 210 -36.70 -23.78 -27.44
N ARG D 211 -36.26 -23.43 -26.24
CA ARG D 211 -36.71 -22.21 -25.58
C ARG D 211 -35.54 -21.29 -25.18
N CYS D 212 -35.65 -20.02 -25.56
CA CYS D 212 -34.62 -19.02 -25.25
C CYS D 212 -35.11 -18.06 -24.18
N GLN D 213 -34.27 -17.81 -23.18
CA GLN D 213 -34.71 -17.10 -21.99
C GLN D 213 -33.81 -15.91 -21.66
N VAL D 214 -34.42 -14.78 -21.31
CA VAL D 214 -33.67 -13.57 -20.98
C VAL D 214 -34.02 -13.08 -19.58
N GLN D 215 -33.00 -12.97 -18.72
CA GLN D 215 -33.19 -12.41 -17.39
C GLN D 215 -32.95 -10.91 -17.44
N PHE D 216 -33.91 -10.14 -16.98
CA PHE D 216 -33.79 -8.69 -17.01
C PHE D 216 -33.81 -8.10 -15.60
N TYR D 217 -32.84 -7.23 -15.30
CA TYR D 217 -32.79 -6.55 -14.02
C TYR D 217 -33.24 -5.11 -14.17
N GLY D 218 -34.42 -4.80 -13.65
CA GLY D 218 -34.99 -3.46 -13.77
C GLY D 218 -35.41 -2.87 -12.45
N LEU D 219 -36.60 -2.27 -12.42
CA LEU D 219 -37.10 -1.58 -11.23
C LEU D 219 -37.48 -2.51 -10.08
N SER D 220 -37.67 -1.92 -8.90
CA SER D 220 -37.92 -2.70 -7.69
C SER D 220 -39.18 -2.25 -6.94
N GLU D 221 -39.44 -2.90 -5.81
CA GLU D 221 -40.68 -2.71 -5.06
C GLU D 221 -40.89 -1.31 -4.49
N ASN D 222 -39.81 -0.55 -4.38
CA ASN D 222 -39.88 0.76 -3.74
C ASN D 222 -39.56 1.94 -4.66
N ASP D 223 -39.70 1.74 -5.96
CA ASP D 223 -39.51 2.84 -6.90
C ASP D 223 -40.85 3.51 -7.20
N GLU D 224 -40.82 4.78 -7.58
CA GLU D 224 -42.03 5.51 -7.94
C GLU D 224 -42.45 5.13 -9.36
N TRP D 225 -43.71 5.39 -9.70
CA TRP D 225 -44.24 4.97 -11.00
C TRP D 225 -45.60 5.61 -11.27
N THR D 226 -45.63 6.61 -12.14
CA THR D 226 -46.86 7.32 -12.45
C THR D 226 -47.30 7.15 -13.90
N GLN D 227 -46.63 6.24 -14.62
CA GLN D 227 -47.01 5.91 -15.99
C GLN D 227 -48.25 5.03 -16.03
N ASP D 228 -48.68 4.69 -17.24
CA ASP D 228 -49.82 3.79 -17.43
C ASP D 228 -49.38 2.36 -17.67
N ARG D 229 -48.33 2.19 -18.47
CA ARG D 229 -47.76 0.88 -18.72
C ARG D 229 -47.24 0.26 -17.43
N ALA D 230 -47.21 -1.06 -17.39
CA ALA D 230 -46.75 -1.80 -16.21
C ALA D 230 -45.35 -1.41 -15.81
N LYS D 231 -45.06 -1.51 -14.52
CA LYS D 231 -43.73 -1.23 -14.02
C LYS D 231 -42.75 -2.21 -14.66
N PRO D 232 -41.63 -1.70 -15.19
CA PRO D 232 -40.58 -2.54 -15.76
C PRO D 232 -39.72 -3.21 -14.68
N VAL D 233 -40.34 -4.02 -13.83
CA VAL D 233 -39.65 -4.71 -12.76
C VAL D 233 -38.73 -5.79 -13.30
N THR D 234 -37.86 -6.31 -12.44
CA THR D 234 -37.01 -7.44 -12.78
C THR D 234 -37.86 -8.65 -13.12
N GLN D 235 -37.62 -9.24 -14.29
CA GLN D 235 -38.51 -10.27 -14.81
C GLN D 235 -37.82 -11.12 -15.86
N ILE D 236 -38.49 -12.19 -16.29
CA ILE D 236 -37.94 -13.07 -17.31
C ILE D 236 -38.80 -13.03 -18.57
N VAL D 237 -38.16 -12.93 -19.72
CA VAL D 237 -38.88 -12.92 -20.99
C VAL D 237 -38.44 -14.09 -21.86
N SER D 238 -39.40 -14.76 -22.51
CA SER D 238 -39.08 -15.95 -23.29
C SER D 238 -39.49 -15.88 -24.76
N ALA D 239 -39.11 -16.94 -25.48
CA ALA D 239 -39.39 -17.11 -26.90
C ALA D 239 -38.97 -18.53 -27.24
N GLU D 240 -39.85 -19.28 -27.91
CA GLU D 240 -39.60 -20.71 -28.11
C GLU D 240 -39.85 -21.20 -29.52
N ALA D 241 -39.45 -22.45 -29.77
CA ALA D 241 -39.60 -23.09 -31.08
C ALA D 241 -39.57 -24.62 -30.97
N TRP D 242 -40.30 -25.28 -31.87
CA TRP D 242 -40.36 -26.74 -31.92
C TRP D 242 -39.67 -27.30 -33.16
N GLY D 243 -39.22 -28.55 -33.07
CA GLY D 243 -38.56 -29.20 -34.19
C GLY D 243 -39.48 -29.48 -35.38
N ARG D 244 -39.11 -28.91 -36.52
CA ARG D 244 -39.90 -29.06 -37.73
C ARG D 244 -39.51 -30.32 -38.51
N ALA D 245 -40.01 -30.43 -39.75
CA ALA D 245 -39.72 -31.59 -40.59
C ALA D 245 -38.69 -31.24 -41.67
C1 NAG E . 4.56 21.70 9.02
C2 NAG E . 4.11 22.88 8.16
C3 NAG E . 5.29 23.70 7.64
C4 NAG E . 6.19 24.10 8.82
C5 NAG E . 6.57 22.84 9.59
C6 NAG E . 7.50 23.17 10.77
C7 NAG E . 1.94 22.47 7.20
C8 NAG E . 1.15 21.61 6.24
N2 NAG E . 3.27 22.42 7.07
O3 NAG E . 4.81 24.86 6.99
O4 NAG E . 7.35 24.79 8.39
O5 NAG E . 5.39 22.18 10.05
O6 NAG E . 6.87 24.09 11.65
O7 NAG E . 1.37 23.16 8.05
C1 NAG F . 14.40 15.02 6.03
C2 NAG F . 13.82 16.35 5.55
C3 NAG F . 12.75 16.19 4.48
C4 NAG F . 13.20 15.23 3.41
C5 NAG F . 13.53 13.91 4.10
C6 NAG F . 13.86 12.79 3.12
C7 NAG F . 13.68 18.26 7.02
C8 NAG F . 14.39 19.07 5.97
N2 NAG F . 13.20 17.08 6.63
O3 NAG F . 12.50 17.45 3.92
O4 NAG F . 12.18 15.10 2.42
O5 NAG F . 14.64 14.14 4.96
O6 NAG F . 15.12 13.03 2.56
O7 NAG F . 13.55 18.70 8.16
C1 4GH G . 10.83 -2.46 5.46
C2 4GH G . 11.12 -1.99 6.89
N2 4GH G . 11.80 -3.06 7.60
C3 4GH G . 9.87 -1.75 7.72
O3 4GH G . 8.90 -1.05 6.93
C4 4GH G . 10.25 -0.93 8.94
C5 4GH G . 9.32 -1.09 10.14
C6 4GH G . 10.14 -1.14 11.43
C7 4GH G . 9.55 -0.35 12.58
C8 4GH G . 9.55 -1.19 13.86
C9 4GH G . 10.07 -0.41 15.06
C10 4GH G . 9.23 0.84 15.38
C11 4GH G . 7.79 0.46 15.70
C12 4GH G . 6.83 1.25 14.83
C13 4GH G . 6.59 2.64 15.41
C14 4GH G . 5.35 2.67 16.30
C15 4GH G . 4.14 3.10 15.49
C16 4GH G . 2.98 3.54 16.37
C17 4GH G . 3.10 5.03 16.71
C18 4GH G . 2.88 5.89 15.49
C1A 4GH G . 9.53 -3.93 4.10
O1A 4GH G . 10.08 -3.66 5.42
C2A 4GH G . 8.58 -5.13 4.11
O2A 4GH G . 7.50 -4.95 5.02
C3A 4GH G . 9.36 -6.37 4.49
O3A 4GH G . 8.50 -7.50 4.60
C4A 4GH G . 10.37 -6.61 3.39
O5A 4GH G . 13.53 -5.11 2.61
C5M 4GH G . 11.30 -5.40 3.34
C6A 4GH G . 12.26 -5.62 2.20
O6A 4GH G . 10.58 -4.16 3.15
CAA 4GH G . 13.14 -3.15 7.72
OAA 4GH G . 13.93 -2.37 7.22
CAB 4GH G . 13.64 -4.34 8.50
CAC 4GH G . 14.97 -4.00 9.13
CAD 4GH G . 14.84 -3.05 10.32
CAE 4GH G . 16.20 -2.43 10.65
CAF 4GH G . 16.37 -2.16 12.14
CAG 4GH G . 16.92 -0.75 12.36
CAH 4GH G . 17.09 -0.44 13.85
CAI 4GH G . 17.43 1.03 14.06
CAJ 4GH G . 17.90 1.32 15.48
CAK 4GH G . 18.40 2.75 15.63
CAL 4GH G . 19.49 3.05 14.61
CAM 4GH G . 20.35 4.24 15.04
CAN 4GH G . 21.20 4.75 13.88
CAO 4GH G . 22.26 3.74 13.48
CAP 4GH G . 23.58 4.06 14.17
CAQ 4GH G . 24.74 3.31 13.53
CAR 4GH G . 24.96 1.95 14.19
CAS 4GH G . 26.20 1.25 13.61
CAT 4GH G . 26.29 -0.17 14.14
CAU 4GH G . 25.58 -1.15 13.21
CAV 4GH G . 25.24 -2.45 13.93
CAW 4GH G . 24.03 -2.27 14.85
CAX 4GH G . 23.26 -3.57 15.02
CAY 4GH G . 22.08 -3.40 15.98
CAZ 4GH G . 21.11 -2.34 15.51
MG MG H . -10.91 -8.33 13.86
#